data_7WUI
#
_entry.id   7WUI
#
loop_
_entity.id
_entity.type
_entity.pdbx_description
1 polymer mini-Gs
2 polymer 'Guanine nucleotide-binding protein G(I)/G(S)/G(T) subunit beta-1'
3 polymer 'Guanine nucleotide-binding protein G(I)/G(S)/G(O) subunit gamma-2'
4 polymer Nanobody-35
5 polymer 'Adhesion G-protein coupled receptor G2,mCherry'
6 polymer scFv16
7 polymer IP15
#
loop_
_entity_poly.entity_id
_entity_poly.type
_entity_poly.pdbx_seq_one_letter_code
_entity_poly.pdbx_strand_id
1 'polypeptide(L)'
;MGCTLSAEDKAAVERSKMIEKQLQKDKQVYRATHRLLLLGADNSGKSTIVKQMRIYHVNGYSEEECKQYKAVVYSNTIQS
IIAIIRAMGRLKIDFGDSARADDARQLFVLAGAAEEGFMTAELAGVIKRLWKDSGVQACFNRSREYQLNDSAAYYLNDLD
RIAQPNYIPTQQDVLRTRVKTSGIFETKFQVDKVNFHMFDVGAQRDERRKWIQCFNDVTAIIFVVDSSDYNRLQEALNDF
KSIWNNRWLRTISVILFLNKQDLLAEKVLAGKSKIEDYFPEFARYTTPEDATPEPGEDPRVTRAKYFIRDEFLRISTASG
DGRHYCYPHFTCSVDTENARRIFNDCRDIIQRMHLRQYELL
;
A
2 'polypeptide(L)'
;MHHHHHHLEVLFQGPGSSQSELDQLRQEAEQLKNQIRDARKACADATLSQITNNIDPVGRIQMRTRRTLRGHLAKIYAMH
WGTDSRLLVSASQDGKLIIWDSYTTNKVHAIPLRSSWVMTCAYAPSGNYVACGGLDNICSIYNLKTREGNVRVSRELAGH
TGYLSCCRFLDDNQIVTSSGDTTCALWDIETGQQTTTFTGHTGDVMSLSLAPDTRLFVSGACDASAKLWDVREGMCRQTF
TGHESDINAICFFPNGNAFATGSDDATCRLFDLRADQELMTYSHDNIICGITSVSFSKSGRLLLAGYDDFNCNVWDALKA
DRAGVLAGHDNRVSCLGVTDDGMAVATGSWDSFLKIWN
;
B
3 'polypeptide(L)' NTASIAQARKLVEQLKMEANIDRIKVSKAAADLMAYCEAHAKEDPLLTPVPASENPFR G
4 'polypeptide(L)'
;QVQLQESGGGLVQPGGSLRLSCAASGFTFSNYKMNWVRQAPGKGLEWVSDISQSGASISYTGSVKGRFTISRDNAKNTLY
LQMNSLKPEDTAVYYCARCPAPFTRDCFDVTSTTYAYRGQGTQVTVSS
;
N
5 'polypeptide(L)'
;MKTIIALSYIFCLVFALKENGNSSLLSPSAESSLVSLIPYSNGTPDAASEVLSTLNKTEKSKITIVKTFNASGVKSQRNI
CNLSSLCNDSVFFRGEIVFQHDEDHNVTQNQDTANGTFAGVLSLSELKRSELNKTLQTLSETYFIVCATAEAQSTVNCTF
TVKLNETMNVCAMMVTFQTVQIRPMEQCCCSPRTPCPSSPEELEKLQCELQDPIVCLADQPHGPPLSSSSKPVVPQATII
SHVASDFSLAEPLDHALMTPSTPSLTQESNLPSPQPTIPLASSPATDLPVQSVVVSSLPQTDLSHTLSPVQSSIPSPTTP
APSVPTELVTISTPPGETVVNTSTVSDLEAQVSQMEKALSLGSLEPNLAGEMVNRVSKLLHSPPALLAPLAQRLLKVVDA
IGLQLNFSSTTISLTSPSLALAVIRVNASNFNTTTFAAQDPTNLQVSLETPPPENSIGAITLPSSLMNNLPANDVELASR
IQFNFFETPALFQDPSLENLTLISYVISSSVTNMTIKNLTRNVTVALKHINPSPDDLTVKCVFWDLGRNGGKGGWSSDGC
SVKDKRMNETICTCSALASFGILLDLSRTSLPPSQMMALTFITYIGCGLSSIFLSVTLVTYIAFEKIRRDYPSKILIQLC
AALLLLNLIFLLDSWIALYNTRGFCIAVAVFLHYFLLVSFTWMGLEAFHMYLALVKVFNTYIRKYILKFCIVGWGIPAVV
VSIVLTISPDNYGIGSYGKFPNGTPDDFCWINSNVVFYITVVGYFCVIFLLNVSMFIVVLVQLCRIKKKKQLGAQRKTSI
QDLRSIAGLTFLLGITWGFAFFAWGPVNVTFMYLFAIFNTLQGFFIFIFYCAAKENVRKQWRRYLCCGKLFWFPEKGAIL
TDTSVKRNDLSIISGHHHHHHHHGSAENLYFQGMVSKGEEDNMAIIKEFMRFKVHMEGSVNGHEFEIEGEGEGRPYEGTQ
TAKLKVTKGGPLPFAWDILSPQFMYGSKAYVKHPADIPDYLKLSFPEGFKWERVMNFEDGGVVTVTQDSSLQDGEFIYKV
KLRGTNFPSDGPVMQKKTMGWEASSERMYPEDGALKGEIKQRLKLKDGGHYDAEVKTTYKAKKPVQLPGAYNVNIKLDIT
SHNEDYTIVEQYERAEGRHSTGGMDELYK
;
R
6 'polypeptide(L)'
;DVQLVESGGGLVQPGGSRKLSCSASGFAFSSFGMHWVRQAPEKGLEWVAYISSGSGTIYYADTVKGRFTISRDDPKNTLF
LQMTSLRSEDTAMYYCVRSIYYYGSSPFDFWGQGTTLTVSSGGGGSGGGGSGGGGSDIVMTQATSSVPVTPGESVSISCR
SSKSLLHSNGNTYLYWFLQRPGQSPQLLIYRMSNLASGVPDRFSGSGSGTAFTLTISRLEAEDVGVYYCMQHLEYPLTFG
AGTKLELKGS
;
S
7 'polypeptide(L)' IS(4PH)GILLDLSRTSLP L
#
# COMPACT_ATOMS: atom_id res chain seq x y z
N SER A 6 -18.68 1.24 -23.75
CA SER A 6 -18.82 2.36 -24.66
C SER A 6 -17.52 2.61 -25.39
N ALA A 7 -17.30 3.85 -25.84
CA ALA A 7 -16.04 4.24 -26.45
C ALA A 7 -15.20 5.14 -25.56
N GLU A 8 -15.83 6.03 -24.79
CA GLU A 8 -15.08 6.70 -23.73
C GLU A 8 -14.84 5.76 -22.55
N ASP A 9 -15.66 4.73 -22.37
CA ASP A 9 -15.25 3.63 -21.52
C ASP A 9 -14.08 2.89 -22.14
N LYS A 10 -14.11 2.69 -23.47
CA LYS A 10 -12.98 2.06 -24.16
C LYS A 10 -11.75 2.95 -24.12
N ALA A 11 -11.92 4.26 -24.33
CA ALA A 11 -10.79 5.18 -24.26
C ALA A 11 -10.29 5.37 -22.84
N ALA A 12 -11.16 5.23 -21.83
CA ALA A 12 -10.72 5.32 -20.45
C ALA A 12 -9.98 4.05 -20.03
N VAL A 13 -10.41 2.88 -20.52
CA VAL A 13 -9.69 1.64 -20.30
C VAL A 13 -8.32 1.68 -20.99
N GLU A 14 -8.26 2.26 -22.19
CA GLU A 14 -6.98 2.38 -22.89
C GLU A 14 -6.08 3.41 -22.21
N ARG A 15 -6.66 4.50 -21.71
CA ARG A 15 -5.91 5.46 -20.91
C ARG A 15 -5.37 4.80 -19.66
N SER A 16 -6.20 4.00 -18.99
CA SER A 16 -5.76 3.23 -17.83
C SER A 16 -4.66 2.23 -18.19
N LYS A 17 -4.72 1.68 -19.39
CA LYS A 17 -3.65 0.80 -19.82
C LYS A 17 -2.41 1.69 -19.86
N MET A 18 -2.60 2.95 -20.26
CA MET A 18 -1.55 3.95 -20.31
C MET A 18 -1.03 4.24 -18.92
N ILE A 19 -1.93 4.31 -17.94
CA ILE A 19 -1.52 4.59 -16.58
C ILE A 19 -0.62 3.47 -16.10
N GLU A 20 -1.03 2.24 -16.34
CA GLU A 20 -0.26 1.07 -15.96
C GLU A 20 1.09 1.00 -16.68
N LYS A 21 1.10 1.37 -17.96
CA LYS A 21 2.33 1.37 -18.76
C LYS A 21 3.36 2.21 -18.02
N GLN A 22 2.89 3.32 -17.48
CA GLN A 22 3.67 4.25 -16.66
C GLN A 22 3.96 3.68 -15.27
N LEU A 23 3.01 2.94 -14.70
CA LEU A 23 3.21 2.28 -13.42
C LEU A 23 4.23 1.15 -13.52
N GLN A 24 4.30 0.47 -14.65
CA GLN A 24 5.32 -0.55 -14.83
C GLN A 24 6.70 0.08 -15.06
N LYS A 25 6.77 1.17 -15.83
CA LYS A 25 8.04 1.88 -16.01
C LYS A 25 8.53 2.51 -14.72
N ASP A 26 7.64 2.84 -13.79
CA ASP A 26 8.06 3.26 -12.46
C ASP A 26 8.20 2.10 -11.48
N LYS A 27 7.65 0.93 -11.82
CA LYS A 27 7.87 -0.25 -11.00
C LYS A 27 9.22 -0.88 -11.29
N GLN A 28 9.78 -0.59 -12.47
CA GLN A 28 11.19 -0.90 -12.71
C GLN A 28 12.10 -0.11 -11.77
N VAL A 29 11.81 1.18 -11.57
CA VAL A 29 12.64 1.98 -10.68
C VAL A 29 12.14 1.97 -9.25
N TYR A 30 11.09 1.21 -8.94
CA TYR A 30 10.76 0.94 -7.55
C TYR A 30 11.24 -0.43 -7.07
N ARG A 31 10.94 -1.51 -7.81
CA ARG A 31 11.30 -2.83 -7.32
C ARG A 31 12.80 -3.11 -7.40
N ALA A 32 13.50 -2.45 -8.32
CA ALA A 32 14.96 -2.49 -8.34
C ALA A 32 15.57 -1.43 -7.44
N THR A 33 14.74 -0.72 -6.68
CA THR A 33 15.18 0.26 -5.69
C THR A 33 14.91 -0.30 -4.30
N HIS A 34 15.92 -0.26 -3.44
CA HIS A 34 15.87 -0.95 -2.16
C HIS A 34 15.86 0.09 -1.05
N ARG A 35 14.73 0.20 -0.37
CA ARG A 35 14.47 1.32 0.52
C ARG A 35 15.10 1.10 1.90
N LEU A 36 15.65 2.18 2.43
CA LEU A 36 16.32 2.18 3.72
C LEU A 36 15.67 3.22 4.61
N LEU A 37 15.50 2.89 5.88
CA LEU A 37 14.96 3.82 6.86
C LEU A 37 16.06 4.15 7.86
N LEU A 38 16.55 5.38 7.83
CA LEU A 38 17.60 5.80 8.75
C LEU A 38 16.99 6.23 10.08
N LEU A 39 17.41 5.59 11.17
CA LEU A 39 16.92 5.97 12.49
C LEU A 39 18.06 6.10 13.47
N GLY A 40 17.85 6.92 14.50
CA GLY A 40 18.81 7.14 15.56
C GLY A 40 18.14 7.61 16.84
N ALA A 41 18.91 8.22 17.74
CA ALA A 41 18.38 8.71 19.01
C ALA A 41 18.91 10.10 19.29
N ASP A 42 18.96 10.95 18.25
CA ASP A 42 19.47 12.35 18.22
C ASP A 42 20.82 12.53 18.93
N ASN A 43 21.65 11.47 18.95
CA ASN A 43 23.01 11.55 19.46
C ASN A 43 24.02 10.80 18.62
N SER A 44 23.59 9.90 17.73
CA SER A 44 24.48 9.10 16.93
C SER A 44 25.01 9.91 15.75
N GLY A 45 25.74 9.23 14.87
CA GLY A 45 26.20 9.86 13.65
C GLY A 45 25.20 9.71 12.51
N LYS A 46 23.92 9.92 12.84
CA LYS A 46 22.85 9.81 11.87
C LYS A 46 22.97 10.85 10.78
N SER A 47 23.37 12.07 11.14
CA SER A 47 23.50 13.15 10.16
C SER A 47 24.80 13.03 9.36
N THR A 48 25.90 12.62 10.00
CA THR A 48 27.16 12.58 9.28
C THR A 48 27.26 11.42 8.30
N ILE A 49 26.46 10.36 8.50
CA ILE A 49 26.33 9.29 7.51
C ILE A 49 25.70 9.84 6.23
N VAL A 50 24.66 10.68 6.39
CA VAL A 50 24.08 11.40 5.26
C VAL A 50 25.11 12.33 4.63
N LYS A 51 25.90 13.03 5.44
CA LYS A 51 26.89 13.94 4.86
C LYS A 51 28.13 13.22 4.32
N GLN A 52 28.25 11.89 4.44
CA GLN A 52 29.37 11.20 3.81
C GLN A 52 28.99 10.27 2.67
N MET A 53 27.79 9.70 2.64
CA MET A 53 27.41 8.93 1.45
C MET A 53 26.51 9.69 0.48
N ARG A 54 26.23 10.97 0.73
CA ARG A 54 25.70 11.79 -0.35
C ARG A 54 26.81 12.21 -1.30
N ILE A 55 28.04 12.34 -0.80
CA ILE A 55 29.20 12.69 -1.60
C ILE A 55 30.05 11.48 -1.94
N TYR A 56 29.67 10.29 -1.42
CA TYR A 56 30.38 9.01 -1.58
C TYR A 56 31.83 9.08 -1.10
N THR A 181 11.89 22.39 6.79
CA THR A 181 10.92 21.80 7.70
C THR A 181 10.39 20.47 7.19
N SER A 182 11.02 19.95 6.13
CA SER A 182 10.59 18.70 5.52
C SER A 182 10.88 17.52 6.45
N GLY A 183 9.87 16.68 6.67
CA GLY A 183 9.96 15.61 7.64
C GLY A 183 10.55 14.31 7.16
N ILE A 184 10.88 14.19 5.88
CA ILE A 184 11.60 13.03 5.38
C ILE A 184 12.68 13.56 4.43
N PHE A 185 13.84 12.91 4.44
CA PHE A 185 14.93 13.29 3.55
C PHE A 185 15.30 12.10 2.69
N GLU A 186 15.12 12.27 1.38
CA GLU A 186 15.46 11.25 0.39
C GLU A 186 16.92 11.45 -0.02
N THR A 187 17.75 10.45 0.26
CA THR A 187 19.12 10.45 -0.27
C THR A 187 19.24 9.29 -1.25
N LYS A 188 19.61 9.63 -2.49
CA LYS A 188 19.67 8.69 -3.60
C LYS A 188 21.13 8.35 -3.83
N PHE A 189 21.56 7.17 -3.38
CA PHE A 189 22.94 6.76 -3.64
C PHE A 189 22.95 5.45 -4.41
N GLN A 190 23.70 5.42 -5.50
CA GLN A 190 23.78 4.28 -6.40
C GLN A 190 25.12 3.61 -6.17
N VAL A 191 25.10 2.46 -5.49
CA VAL A 191 26.30 1.69 -5.17
C VAL A 191 26.27 0.38 -5.96
N ASP A 192 27.42 0.08 -6.59
CA ASP A 192 27.60 -1.03 -7.54
C ASP A 192 26.56 -1.02 -8.66
N LYS A 193 26.25 0.20 -9.15
CA LYS A 193 25.24 0.45 -10.19
C LYS A 193 23.88 -0.08 -9.72
N VAL A 194 23.59 0.13 -8.43
CA VAL A 194 22.35 -0.32 -7.82
C VAL A 194 21.81 0.84 -7.00
N ASN A 195 20.58 1.27 -7.30
CA ASN A 195 20.02 2.46 -6.67
C ASN A 195 19.55 2.16 -5.26
N PHE A 196 19.70 3.13 -4.37
CA PHE A 196 19.24 3.03 -3.00
C PHE A 196 18.65 4.38 -2.60
N HIS A 197 17.37 4.37 -2.23
CA HIS A 197 16.77 5.49 -1.53
C HIS A 197 16.85 5.25 -0.03
N MET A 198 17.50 6.17 0.66
CA MET A 198 17.68 6.11 2.11
C MET A 198 16.94 7.30 2.71
N PHE A 199 16.09 7.02 3.68
CA PHE A 199 15.09 7.97 4.16
C PHE A 199 15.46 8.38 5.59
N ASP A 200 16.02 9.59 5.70
CA ASP A 200 16.39 10.16 6.98
C ASP A 200 15.14 10.80 7.60
N VAL A 201 14.80 10.41 8.81
CA VAL A 201 13.66 10.99 9.51
C VAL A 201 14.23 12.06 10.45
N GLY A 202 14.27 13.29 9.95
CA GLY A 202 14.42 14.47 10.77
C GLY A 202 13.20 15.34 10.58
N ALA A 203 13.12 16.40 11.41
CA ALA A 203 11.99 17.35 11.46
C ALA A 203 10.65 16.65 11.71
N GLN A 204 10.69 15.51 12.39
CA GLN A 204 9.52 14.80 12.88
C GLN A 204 9.54 14.86 14.40
N ARG A 205 8.44 14.47 15.02
CA ARG A 205 8.46 14.51 16.46
C ARG A 205 9.18 13.28 17.01
N ASP A 206 9.42 13.30 18.31
CA ASP A 206 10.06 12.18 18.99
C ASP A 206 9.20 10.92 19.05
N GLU A 207 7.87 11.03 18.91
CA GLU A 207 7.05 9.83 18.83
C GLU A 207 7.22 9.14 17.48
N ARG A 208 7.34 7.82 17.53
CA ARG A 208 7.81 7.01 16.43
C ARG A 208 6.76 6.04 15.89
N ARG A 209 5.86 5.55 16.76
CA ARG A 209 5.10 4.31 16.56
C ARG A 209 4.13 4.33 15.40
N LYS A 210 3.83 5.46 14.81
CA LYS A 210 2.83 5.51 13.74
C LYS A 210 3.39 5.88 12.39
N TRP A 211 4.44 6.70 12.33
CA TRP A 211 5.15 6.83 11.08
C TRP A 211 6.18 5.73 10.89
N ILE A 212 6.42 4.89 11.90
CA ILE A 212 7.32 3.77 11.73
C ILE A 212 6.62 2.68 10.91
N GLN A 213 5.29 2.63 11.00
CA GLN A 213 4.46 1.67 10.27
C GLN A 213 4.44 1.96 8.78
N CYS A 214 4.91 3.14 8.37
CA CYS A 214 5.10 3.46 6.96
C CYS A 214 6.33 2.80 6.36
N PHE A 215 7.17 2.15 7.17
CA PHE A 215 8.40 1.57 6.65
C PHE A 215 8.49 0.08 6.94
N ASN A 216 7.43 -0.68 6.68
CA ASN A 216 7.50 -2.12 6.76
C ASN A 216 7.52 -2.79 5.39
N ASP A 217 7.66 -2.01 4.32
CA ASP A 217 7.99 -2.56 3.00
C ASP A 217 9.39 -2.14 2.54
N VAL A 218 10.16 -1.48 3.42
CA VAL A 218 11.52 -1.13 3.07
C VAL A 218 12.39 -2.38 3.05
N THR A 219 13.52 -2.28 2.36
CA THR A 219 14.52 -3.34 2.44
C THR A 219 15.16 -3.39 3.81
N ALA A 220 15.60 -2.25 4.33
CA ALA A 220 16.29 -2.27 5.61
C ALA A 220 15.91 -1.07 6.46
N ILE A 221 15.97 -1.27 7.77
CA ILE A 221 15.97 -0.19 8.74
C ILE A 221 17.40 -0.09 9.25
N ILE A 222 18.07 1.02 8.96
CA ILE A 222 19.42 1.29 9.45
C ILE A 222 19.26 1.97 10.80
N PHE A 223 19.40 1.19 11.87
CA PHE A 223 19.42 1.75 13.22
C PHE A 223 20.86 2.13 13.54
N VAL A 224 21.13 3.43 13.54
CA VAL A 224 22.43 3.96 13.91
C VAL A 224 22.41 4.33 15.39
N VAL A 225 23.38 3.80 16.13
CA VAL A 225 23.48 3.97 17.57
C VAL A 225 24.84 4.59 17.91
N ASP A 226 24.81 5.63 18.75
CA ASP A 226 26.02 6.14 19.35
C ASP A 226 26.47 5.12 20.38
N SER A 227 27.46 4.30 20.01
CA SER A 227 27.95 3.28 20.93
C SER A 227 28.78 3.86 22.07
N SER A 228 29.20 5.12 21.96
CA SER A 228 29.93 5.79 23.03
C SER A 228 29.01 6.51 24.01
N ASP A 229 27.88 7.03 23.56
CA ASP A 229 26.94 7.68 24.46
C ASP A 229 26.16 6.59 25.20
N TYR A 230 26.16 6.67 26.52
CA TYR A 230 25.47 5.68 27.35
C TYR A 230 24.26 6.31 28.03
N LEU A 233 22.23 4.85 25.12
CA LEU A 233 22.58 3.52 24.62
C LEU A 233 21.45 2.54 24.89
N GLN A 234 21.07 2.42 26.17
CA GLN A 234 19.90 1.63 26.51
C GLN A 234 18.62 2.24 25.94
N GLU A 235 18.59 3.57 25.80
CA GLU A 235 17.48 4.22 25.10
C GLU A 235 17.42 3.76 23.65
N ALA A 236 18.58 3.66 23.00
CA ALA A 236 18.65 3.05 21.69
C ALA A 236 18.39 1.55 21.73
N LEU A 237 18.67 0.88 22.85
CA LEU A 237 18.32 -0.53 22.96
C LEU A 237 16.81 -0.74 23.04
N ASN A 238 16.09 0.18 23.69
CA ASN A 238 14.63 0.10 23.70
C ASN A 238 14.04 0.51 22.38
N ASP A 239 14.68 1.47 21.69
CA ASP A 239 14.28 1.79 20.33
C ASP A 239 14.45 0.58 19.41
N PHE A 240 15.55 -0.16 19.57
CA PHE A 240 15.76 -1.40 18.83
C PHE A 240 14.77 -2.49 19.25
N LYS A 241 14.43 -2.54 20.53
CA LYS A 241 13.41 -3.47 21.01
C LYS A 241 12.07 -3.17 20.38
N SER A 242 11.77 -1.89 20.19
CA SER A 242 10.51 -1.47 19.60
C SER A 242 10.48 -1.76 18.11
N ILE A 243 11.56 -1.46 17.40
CA ILE A 243 11.65 -1.72 15.96
C ILE A 243 11.65 -3.22 15.67
N TRP A 244 12.41 -3.99 16.46
CA TRP A 244 12.54 -5.41 16.23
C TRP A 244 11.23 -6.14 16.50
N ASN A 245 10.56 -5.79 17.58
CA ASN A 245 9.33 -6.45 17.98
C ASN A 245 8.08 -5.69 17.56
N ASN A 246 8.20 -4.71 16.67
CA ASN A 246 7.02 -4.15 16.03
C ASN A 246 6.33 -5.21 15.18
N ARG A 247 5.00 -5.19 15.21
CA ARG A 247 4.20 -6.20 14.54
C ARG A 247 4.31 -6.09 13.03
N TRP A 248 4.69 -4.93 12.51
CA TRP A 248 4.80 -4.75 11.07
C TRP A 248 6.23 -4.82 10.58
N LEU A 249 7.18 -4.39 11.40
CA LEU A 249 8.60 -4.50 11.11
C LEU A 249 9.19 -5.85 11.50
N ARG A 250 8.36 -6.79 11.95
CA ARG A 250 8.87 -8.12 12.29
C ARG A 250 9.31 -8.90 11.07
N THR A 251 8.90 -8.49 9.87
CA THR A 251 9.46 -8.99 8.62
C THR A 251 10.59 -8.11 8.09
N ILE A 252 10.96 -7.05 8.81
CA ILE A 252 11.97 -6.10 8.36
C ILE A 252 13.23 -6.30 9.19
N SER A 253 14.30 -6.67 8.52
CA SER A 253 15.58 -6.96 9.16
C SER A 253 16.39 -5.68 9.27
N VAL A 254 17.00 -5.48 10.43
CA VAL A 254 17.64 -4.21 10.78
C VAL A 254 19.13 -4.27 10.47
N ILE A 255 19.58 -3.36 9.62
CA ILE A 255 21.01 -3.05 9.49
C ILE A 255 21.37 -2.16 10.68
N LEU A 256 22.35 -2.57 11.46
CA LEU A 256 22.66 -1.88 12.71
C LEU A 256 24.06 -1.30 12.62
N PHE A 257 24.17 0.02 12.79
CA PHE A 257 25.42 0.74 12.70
C PHE A 257 25.82 1.23 14.08
N LEU A 258 26.84 0.59 14.66
CA LEU A 258 27.44 1.03 15.92
C LEU A 258 28.37 2.20 15.58
N ASN A 259 27.79 3.37 15.38
CA ASN A 259 28.59 4.44 14.83
C ASN A 259 29.31 5.15 15.99
N LYS A 260 30.26 6.02 15.62
CA LYS A 260 31.17 6.72 16.54
C LYS A 260 32.00 5.69 17.34
N GLN A 261 32.54 4.72 16.62
CA GLN A 261 33.50 3.78 17.21
C GLN A 261 34.81 4.47 17.56
N ASP A 262 35.13 5.58 16.90
CA ASP A 262 36.27 6.38 17.33
C ASP A 262 36.05 7.00 18.70
N LEU A 263 34.84 7.50 18.97
CA LEU A 263 34.53 8.03 20.28
C LEU A 263 34.47 6.93 21.34
N LEU A 264 34.01 5.74 20.94
CA LEU A 264 34.07 4.59 21.84
C LEU A 264 35.50 4.19 22.16
N ALA A 265 36.39 4.24 21.16
CA ALA A 265 37.78 3.89 21.35
C ALA A 265 38.50 4.92 22.23
N GLU A 266 38.16 6.19 22.08
CA GLU A 266 38.72 7.21 22.98
C GLU A 266 37.96 7.32 24.29
N LYS A 267 36.87 6.58 24.47
CA LYS A 267 36.16 6.56 25.74
C LYS A 267 36.54 5.38 26.64
N VAL A 268 36.60 4.17 26.11
CA VAL A 268 36.90 3.03 26.99
C VAL A 268 38.39 2.88 27.23
N LEU A 269 39.24 3.45 26.38
CA LEU A 269 40.67 3.49 26.68
C LEU A 269 41.00 4.55 27.71
N ALA A 270 40.26 5.66 27.71
CA ALA A 270 40.47 6.69 28.71
C ALA A 270 40.01 6.22 30.09
N GLY A 271 38.92 5.46 30.14
CA GLY A 271 38.39 4.97 31.40
C GLY A 271 37.61 6.00 32.20
N LYS A 272 37.31 7.15 31.61
CA LYS A 272 36.54 8.18 32.32
C LYS A 272 35.09 7.74 32.52
N SER A 273 34.46 7.20 31.47
CA SER A 273 33.11 6.67 31.55
C SER A 273 33.18 5.18 31.25
N LYS A 274 32.68 4.37 32.18
CA LYS A 274 32.72 2.92 32.05
C LYS A 274 31.34 2.39 31.71
N ILE A 275 31.30 1.19 31.14
CA ILE A 275 30.05 0.55 30.78
C ILE A 275 29.53 -0.34 31.91
N GLU A 276 30.40 -0.73 32.85
CA GLU A 276 29.95 -1.51 34.01
C GLU A 276 29.01 -0.70 34.90
N ASP A 277 29.17 0.62 34.94
CA ASP A 277 28.22 1.48 35.62
C ASP A 277 26.87 1.45 34.92
N TYR A 278 26.86 1.48 33.60
CA TYR A 278 25.62 1.51 32.84
C TYR A 278 25.10 0.13 32.45
N PHE A 279 25.89 -0.93 32.62
CA PHE A 279 25.51 -2.30 32.32
C PHE A 279 26.27 -3.27 33.21
N PRO A 280 25.63 -3.87 34.22
CA PRO A 280 26.35 -4.79 35.11
C PRO A 280 26.65 -6.15 34.50
N GLU A 281 26.00 -6.51 33.39
CA GLU A 281 26.35 -7.74 32.71
C GLU A 281 27.58 -7.60 31.82
N PHE A 282 28.12 -6.39 31.68
CA PHE A 282 29.43 -6.21 31.06
C PHE A 282 30.56 -6.70 31.98
N ALA A 283 30.31 -6.75 33.29
CA ALA A 283 31.29 -7.29 34.23
C ALA A 283 31.49 -8.79 34.03
N ARG A 284 30.43 -9.52 33.70
CA ARG A 284 30.52 -10.94 33.41
C ARG A 284 30.56 -11.24 31.91
N TYR A 285 30.68 -10.20 31.08
CA TYR A 285 30.80 -10.38 29.64
C TYR A 285 32.26 -10.59 29.27
N THR A 286 32.52 -11.57 28.41
CA THR A 286 33.80 -11.74 27.76
C THR A 286 33.60 -11.64 26.25
N THR A 287 34.66 -11.26 25.54
CA THR A 287 34.58 -11.14 24.09
C THR A 287 34.43 -12.53 23.46
N PRO A 288 33.63 -12.66 22.41
CA PRO A 288 33.42 -13.98 21.80
C PRO A 288 34.56 -14.35 20.86
N GLU A 289 34.63 -15.65 20.55
CA GLU A 289 35.71 -16.18 19.73
C GLU A 289 35.51 -15.94 18.24
N ASP A 290 34.28 -15.62 17.81
CA ASP A 290 34.02 -15.26 16.43
C ASP A 290 34.09 -13.76 16.18
N ALA A 291 34.53 -12.99 17.17
CA ALA A 291 34.70 -11.56 17.01
C ALA A 291 35.88 -11.25 16.09
N THR A 292 35.76 -10.14 15.37
CA THR A 292 36.80 -9.71 14.43
C THR A 292 37.38 -8.39 14.91
N PRO A 293 38.55 -8.39 15.53
CA PRO A 293 39.19 -7.13 15.92
C PRO A 293 40.03 -6.53 14.80
N GLU A 294 40.07 -5.21 14.78
CA GLU A 294 40.84 -4.51 13.77
C GLU A 294 42.33 -4.59 14.08
N PRO A 295 43.19 -4.54 13.05
CA PRO A 295 44.64 -4.45 13.29
C PRO A 295 44.99 -3.11 13.93
N GLY A 296 45.52 -3.16 15.14
CA GLY A 296 45.79 -1.96 15.92
C GLY A 296 44.70 -1.59 16.91
N GLU A 297 43.70 -2.43 17.09
CA GLU A 297 42.61 -2.16 18.01
C GLU A 297 42.88 -2.82 19.36
N ASP A 298 42.59 -2.09 20.43
CA ASP A 298 42.82 -2.56 21.79
C ASP A 298 41.78 -3.62 22.15
N PRO A 299 42.18 -4.65 22.92
CA PRO A 299 41.21 -5.69 23.33
C PRO A 299 40.04 -5.19 24.17
N ARG A 300 40.22 -4.14 24.98
CA ARG A 300 39.10 -3.58 25.73
C ARG A 300 38.12 -2.88 24.80
N VAL A 301 38.63 -2.24 23.74
CA VAL A 301 37.78 -1.61 22.73
C VAL A 301 36.95 -2.66 22.01
N THR A 302 37.59 -3.78 21.63
CA THR A 302 36.88 -4.87 20.97
C THR A 302 35.84 -5.50 21.88
N ARG A 303 36.20 -5.71 23.16
CA ARG A 303 35.28 -6.30 24.12
C ARG A 303 34.08 -5.39 24.37
N ALA A 304 34.31 -4.07 24.47
CA ALA A 304 33.22 -3.11 24.66
C ALA A 304 32.30 -3.05 23.45
N LYS A 305 32.89 -2.92 22.26
CA LYS A 305 32.10 -2.77 21.04
C LYS A 305 31.32 -4.05 20.70
N TYR A 306 31.91 -5.22 20.96
CA TYR A 306 31.15 -6.44 20.78
C TYR A 306 30.18 -6.69 21.92
N PHE A 307 30.39 -6.06 23.09
CA PHE A 307 29.35 -6.12 24.11
C PHE A 307 28.13 -5.32 23.71
N ILE A 308 28.31 -4.15 23.10
CA ILE A 308 27.15 -3.37 22.65
C ILE A 308 26.46 -4.09 21.50
N ARG A 309 27.25 -4.71 20.61
CA ARG A 309 26.69 -5.57 19.56
C ARG A 309 25.87 -6.70 20.15
N ASP A 310 26.41 -7.41 21.14
CA ASP A 310 25.68 -8.51 21.77
C ASP A 310 24.49 -8.01 22.59
N GLU A 311 24.53 -6.77 23.07
CA GLU A 311 23.34 -6.17 23.68
C GLU A 311 22.22 -6.00 22.68
N PHE A 312 22.56 -5.60 21.45
CA PHE A 312 21.52 -5.54 20.43
C PHE A 312 21.06 -6.93 19.98
N LEU A 313 21.97 -7.91 19.95
CA LEU A 313 21.60 -9.26 19.54
C LEU A 313 20.94 -10.10 20.63
N ARG A 314 20.94 -9.65 21.88
CA ARG A 314 20.00 -10.22 22.85
C ARG A 314 18.57 -9.93 22.43
N ILE A 315 18.33 -8.73 21.91
CA ILE A 315 17.03 -8.39 21.35
C ILE A 315 16.80 -9.13 20.03
N SER A 316 17.84 -9.18 19.18
CA SER A 316 17.68 -9.70 17.82
C SER A 316 17.37 -11.20 17.80
N THR A 317 18.03 -11.98 18.65
CA THR A 317 17.86 -13.42 18.69
C THR A 317 16.81 -13.86 19.71
N ALA A 318 15.86 -12.98 20.05
CA ALA A 318 14.82 -13.30 21.01
C ALA A 318 13.46 -13.52 20.36
N SER A 319 13.00 -12.59 19.53
CA SER A 319 11.68 -12.68 18.90
C SER A 319 11.76 -13.15 17.45
N GLY A 320 12.56 -12.48 16.63
CA GLY A 320 12.72 -12.88 15.25
C GLY A 320 13.96 -13.71 15.01
N ASP A 321 13.80 -15.02 14.84
CA ASP A 321 14.93 -15.92 14.69
C ASP A 321 15.44 -15.97 13.25
N GLY A 322 14.58 -16.38 12.32
CA GLY A 322 14.94 -16.41 10.92
C GLY A 322 13.99 -15.58 10.08
N ARG A 323 12.95 -15.07 10.74
CA ARG A 323 11.96 -14.21 10.09
C ARG A 323 12.72 -12.96 9.64
N HIS A 324 13.41 -12.34 10.59
CA HIS A 324 14.25 -11.20 10.27
C HIS A 324 15.50 -11.26 11.16
N TYR A 325 16.60 -10.75 10.63
CA TYR A 325 17.93 -11.03 11.16
C TYR A 325 18.73 -9.74 11.20
N CYS A 326 19.34 -9.43 12.34
CA CYS A 326 20.05 -8.17 12.48
C CYS A 326 21.43 -8.24 11.86
N TYR A 327 21.95 -7.07 11.49
CA TYR A 327 23.25 -6.95 10.83
C TYR A 327 24.11 -5.96 11.60
N PRO A 328 24.73 -6.39 12.71
CA PRO A 328 25.51 -5.46 13.54
C PRO A 328 26.92 -5.25 12.99
N HIS A 329 27.21 -4.02 12.56
CA HIS A 329 28.59 -3.67 12.24
C HIS A 329 28.96 -2.33 12.85
N PHE A 330 30.25 -2.03 12.74
CA PHE A 330 30.89 -0.96 13.49
C PHE A 330 31.26 0.16 12.52
N THR A 331 30.91 1.39 12.90
CA THR A 331 30.93 2.52 12.00
C THR A 331 31.66 3.69 12.66
N CYS A 332 32.29 4.52 11.85
CA CYS A 332 32.87 5.78 12.29
C CYS A 332 32.34 6.91 11.40
N SER A 333 32.90 8.10 11.58
CA SER A 333 32.59 9.23 10.73
C SER A 333 33.57 9.39 9.58
N VAL A 334 34.53 8.48 9.45
CA VAL A 334 35.59 8.61 8.46
C VAL A 334 35.52 7.52 7.37
N ASP A 335 34.93 6.37 7.67
CA ASP A 335 34.97 5.23 6.75
C ASP A 335 34.10 5.45 5.52
N THR A 336 34.68 5.27 4.35
CA THR A 336 33.97 5.34 3.08
C THR A 336 33.38 4.01 2.66
N GLU A 337 33.50 2.98 3.49
CA GLU A 337 32.96 1.66 3.20
C GLU A 337 31.50 1.51 3.62
N ASN A 338 30.84 2.62 3.98
CA ASN A 338 29.48 2.54 4.53
C ASN A 338 28.45 2.16 3.47
N ALA A 339 28.54 2.75 2.28
CA ALA A 339 27.67 2.35 1.19
C ALA A 339 27.95 0.91 0.76
N ARG A 340 29.19 0.48 0.83
CA ARG A 340 29.47 -0.90 0.50
C ARG A 340 28.84 -1.77 1.57
N ARG A 341 29.03 -1.39 2.83
CA ARG A 341 28.47 -2.16 3.93
C ARG A 341 26.95 -2.19 3.89
N ILE A 342 26.32 -1.19 3.27
CA ILE A 342 24.87 -1.21 3.07
C ILE A 342 24.50 -2.17 1.95
N PHE A 343 25.28 -2.15 0.87
CA PHE A 343 25.02 -3.00 -0.29
C PHE A 343 25.22 -4.47 0.07
N ASN A 344 26.34 -4.79 0.71
CA ASN A 344 26.65 -6.17 1.08
C ASN A 344 25.72 -6.72 2.15
N ASP A 345 25.04 -5.84 2.90
CA ASP A 345 24.04 -6.29 3.86
C ASP A 345 22.66 -6.44 3.24
N CYS A 346 22.24 -5.47 2.43
CA CYS A 346 20.93 -5.54 1.78
C CYS A 346 20.89 -6.66 0.76
N ARG A 347 22.05 -7.04 0.23
CA ARG A 347 22.19 -8.26 -0.55
C ARG A 347 21.70 -9.46 0.25
N ASP A 348 22.25 -9.64 1.45
CA ASP A 348 21.85 -10.75 2.31
C ASP A 348 20.43 -10.58 2.82
N ILE A 349 19.95 -9.34 2.94
CA ILE A 349 18.58 -9.10 3.39
C ILE A 349 17.57 -9.60 2.37
N ILE A 350 17.75 -9.21 1.10
CA ILE A 350 16.76 -9.63 0.13
C ILE A 350 17.00 -11.07 -0.30
N GLN A 351 18.23 -11.59 -0.16
CA GLN A 351 18.42 -13.04 -0.24
C GLN A 351 17.66 -13.77 0.86
N ARG A 352 17.67 -13.24 2.09
CA ARG A 352 16.98 -13.88 3.19
C ARG A 352 15.47 -13.87 2.99
N MET A 353 14.91 -12.77 2.48
CA MET A 353 13.47 -12.81 2.25
C MET A 353 13.12 -13.64 1.03
N HIS A 354 14.02 -13.73 0.04
CA HIS A 354 13.81 -14.63 -1.09
C HIS A 354 13.86 -16.09 -0.66
N LEU A 355 14.75 -16.42 0.28
CA LEU A 355 14.79 -17.78 0.81
C LEU A 355 13.60 -18.05 1.73
N ARG A 356 13.09 -17.02 2.40
CA ARG A 356 11.84 -17.17 3.14
C ARG A 356 10.64 -17.34 2.21
N GLN A 357 10.74 -16.87 0.97
CA GLN A 357 9.67 -17.08 0.01
C GLN A 357 9.52 -18.55 -0.37
N TYR A 358 10.61 -19.31 -0.32
CA TYR A 358 10.55 -20.77 -0.47
C TYR A 358 10.48 -21.48 0.88
N GLU A 359 10.43 -20.72 1.98
CA GLU A 359 10.50 -21.21 3.36
C GLU A 359 11.78 -21.99 3.62
N LEU A 360 12.87 -21.60 2.95
CA LEU A 360 14.20 -22.18 3.17
C LEU A 360 14.85 -21.69 4.44
N LEU A 361 14.26 -20.70 5.13
CA LEU A 361 14.79 -20.21 6.38
C LEU A 361 13.73 -20.26 7.48
N GLU B 21 1.48 27.95 39.73
CA GLU B 21 1.89 26.64 40.23
C GLU B 21 1.29 25.53 39.37
N LEU B 22 2.15 24.59 38.98
CA LEU B 22 1.73 23.52 38.06
C LEU B 22 0.77 22.55 38.73
N ASP B 23 1.02 22.18 39.99
CA ASP B 23 0.27 21.11 40.63
C ASP B 23 -1.17 21.51 40.92
N GLN B 24 -1.40 22.77 41.32
CA GLN B 24 -2.77 23.21 41.62
C GLN B 24 -3.64 23.27 40.37
N LEU B 25 -3.08 23.71 39.23
CA LEU B 25 -3.84 23.63 37.99
C LEU B 25 -3.98 22.20 37.49
N ARG B 26 -3.01 21.34 37.77
CA ARG B 26 -3.14 19.93 37.40
C ARG B 26 -4.24 19.24 38.21
N GLN B 27 -4.34 19.55 39.51
CA GLN B 27 -5.41 19.00 40.33
C GLN B 27 -6.76 19.59 39.95
N GLU B 28 -6.80 20.87 39.56
CA GLU B 28 -8.03 21.46 39.04
C GLU B 28 -8.47 20.80 37.75
N ALA B 29 -7.51 20.47 36.88
CA ALA B 29 -7.81 19.77 35.64
C ALA B 29 -8.31 18.36 35.89
N GLU B 30 -7.73 17.66 36.88
CA GLU B 30 -8.19 16.31 37.21
C GLU B 30 -9.58 16.34 37.84
N GLN B 31 -9.84 17.33 38.71
CA GLN B 31 -11.16 17.48 39.31
C GLN B 31 -12.21 17.83 38.27
N LEU B 32 -11.84 18.65 37.28
CA LEU B 32 -12.75 19.00 36.21
C LEU B 32 -12.95 17.84 35.24
N LYS B 33 -11.94 17.00 35.05
CA LYS B 33 -12.11 15.76 34.29
C LYS B 33 -13.06 14.82 35.00
N ASN B 34 -12.97 14.75 36.34
CA ASN B 34 -13.94 13.98 37.11
C ASN B 34 -15.34 14.57 37.04
N GLN B 35 -15.44 15.91 36.95
CA GLN B 35 -16.73 16.56 36.75
C GLN B 35 -17.34 16.20 35.41
N ILE B 36 -16.51 16.16 34.35
CA ILE B 36 -16.98 15.70 33.05
C ILE B 36 -17.35 14.22 33.10
N ARG B 37 -16.60 13.43 33.88
CA ARG B 37 -16.85 12.00 34.01
C ARG B 37 -18.20 11.71 34.66
N ASP B 38 -18.50 12.35 35.79
CA ASP B 38 -19.79 12.07 36.39
C ASP B 38 -20.93 12.89 35.76
N ALA B 39 -20.62 13.91 34.96
CA ALA B 39 -21.66 14.51 34.12
C ALA B 39 -22.04 13.57 32.97
N ARG B 40 -21.05 12.88 32.40
CA ARG B 40 -21.31 11.87 31.38
C ARG B 40 -22.02 10.66 31.98
N LYS B 41 -21.65 10.28 33.20
CA LYS B 41 -22.31 9.18 33.90
C LYS B 41 -23.74 9.54 34.28
N ALA B 42 -23.98 10.80 34.64
CA ALA B 42 -25.32 11.23 35.01
C ALA B 42 -26.26 11.28 33.81
N CYS B 43 -25.72 11.55 32.63
CA CYS B 43 -26.53 11.55 31.41
C CYS B 43 -26.54 10.20 30.71
N ALA B 44 -25.85 9.20 31.28
CA ALA B 44 -25.94 7.82 30.79
C ALA B 44 -26.94 7.05 31.63
N ASP B 45 -28.21 7.47 31.53
CA ASP B 45 -29.28 6.79 32.24
C ASP B 45 -29.53 5.39 31.69
N ALA B 46 -29.38 5.20 30.39
CA ALA B 46 -29.46 3.89 29.76
C ALA B 46 -28.62 3.95 28.50
N THR B 47 -27.68 3.00 28.37
CA THR B 47 -26.77 3.01 27.23
C THR B 47 -27.49 2.55 25.97
N LEU B 48 -26.81 2.72 24.84
CA LEU B 48 -27.42 2.40 23.54
C LEU B 48 -27.53 0.90 23.34
N SER B 49 -26.62 0.12 23.93
CA SER B 49 -26.73 -1.34 23.87
C SER B 49 -27.92 -1.84 24.68
N GLN B 50 -28.30 -1.13 25.73
CA GLN B 50 -29.46 -1.53 26.53
C GLN B 50 -30.77 -1.25 25.81
N ILE B 51 -30.88 -0.07 25.18
CA ILE B 51 -32.17 0.34 24.63
C ILE B 51 -32.42 -0.21 23.23
N THR B 52 -31.37 -0.60 22.50
CA THR B 52 -31.54 -1.14 21.16
C THR B 52 -31.42 -2.67 21.23
N ASN B 53 -32.50 -3.29 21.69
CA ASN B 53 -32.58 -4.74 21.77
C ASN B 53 -33.79 -5.33 21.05
N ASN B 54 -34.86 -4.55 20.86
CA ASN B 54 -36.02 -5.03 20.14
C ASN B 54 -35.79 -5.10 18.63
N ILE B 55 -34.78 -4.42 18.12
CA ILE B 55 -34.53 -4.35 16.68
C ILE B 55 -33.77 -5.60 16.25
N ASP B 56 -34.25 -6.25 15.20
CA ASP B 56 -33.60 -7.44 14.66
C ASP B 56 -32.23 -7.10 14.05
N PRO B 57 -31.29 -8.04 14.05
CA PRO B 57 -29.99 -7.80 13.41
C PRO B 57 -30.11 -7.82 11.89
N VAL B 58 -29.07 -7.32 11.23
CA VAL B 58 -28.97 -7.42 9.79
C VAL B 58 -28.76 -8.87 9.37
N GLY B 59 -27.92 -9.60 10.11
CA GLY B 59 -27.63 -10.99 9.83
C GLY B 59 -26.24 -11.15 9.24
N ARG B 60 -25.94 -12.40 8.88
CA ARG B 60 -24.65 -12.74 8.29
C ARG B 60 -24.60 -12.19 6.87
N ILE B 61 -23.91 -11.07 6.71
CA ILE B 61 -23.77 -10.42 5.41
C ILE B 61 -22.65 -11.13 4.66
N GLN B 62 -22.99 -11.70 3.51
CA GLN B 62 -21.99 -12.33 2.67
C GLN B 62 -21.48 -11.25 1.72
N MET B 63 -21.08 -10.11 2.26
CA MET B 63 -20.56 -9.02 1.43
C MET B 63 -19.32 -9.57 0.76
N ARG B 64 -19.19 -9.36 -0.54
CA ARG B 64 -18.05 -9.91 -1.27
C ARG B 64 -17.29 -8.89 -2.06
N THR B 65 -16.27 -9.36 -2.75
CA THR B 65 -15.49 -8.45 -3.60
C THR B 65 -16.11 -8.41 -4.98
N ARG B 66 -16.36 -7.17 -5.37
CA ARG B 66 -16.88 -6.79 -6.66
C ARG B 66 -15.69 -6.36 -7.51
N ARG B 67 -14.95 -5.37 -7.04
CA ARG B 67 -13.79 -4.88 -7.79
C ARG B 67 -12.46 -5.01 -7.05
N THR B 68 -11.47 -5.55 -7.74
CA THR B 68 -10.14 -5.67 -7.17
C THR B 68 -9.29 -4.67 -7.94
N LEU B 69 -8.88 -3.66 -7.21
CA LEU B 69 -8.12 -2.52 -7.73
C LEU B 69 -6.63 -2.84 -7.58
N ARG B 70 -6.06 -3.49 -8.59
CA ARG B 70 -4.66 -3.87 -8.57
C ARG B 70 -3.85 -2.88 -9.39
N GLY B 71 -2.64 -2.57 -8.93
CA GLY B 71 -1.75 -1.69 -9.66
C GLY B 71 -0.89 -0.79 -8.80
N HIS B 72 -1.32 -0.50 -7.58
CA HIS B 72 -0.44 0.13 -6.61
C HIS B 72 0.77 -0.75 -6.33
N LEU B 73 1.91 -0.08 -6.11
CA LEU B 73 3.21 -0.72 -6.06
C LEU B 73 3.61 -1.10 -4.64
N ALA B 74 3.30 -0.24 -3.69
CA ALA B 74 3.58 -0.48 -2.29
C ALA B 74 2.27 -0.49 -1.52
N LYS B 75 2.40 -0.55 -0.19
CA LYS B 75 1.27 -0.73 0.70
C LYS B 75 0.35 0.48 0.67
N ILE B 76 -0.95 0.22 0.53
CA ILE B 76 -1.93 1.30 0.30
C ILE B 76 -2.30 1.81 1.68
N TYR B 77 -1.77 2.96 2.06
CA TYR B 77 -1.91 3.33 3.46
C TYR B 77 -3.15 4.19 3.69
N ALA B 78 -3.63 4.90 2.67
CA ALA B 78 -4.89 5.63 2.85
C ALA B 78 -5.66 5.71 1.55
N MET B 79 -6.96 6.01 1.67
CA MET B 79 -7.75 6.34 0.49
C MET B 79 -8.86 7.29 0.91
N HIS B 80 -9.56 7.84 -0.09
CA HIS B 80 -10.81 8.54 0.12
C HIS B 80 -11.71 8.34 -1.10
N TRP B 81 -13.02 8.40 -0.88
CA TRP B 81 -14.00 8.38 -1.96
C TRP B 81 -14.37 9.80 -2.39
N GLY B 82 -15.38 9.89 -3.26
CA GLY B 82 -15.89 11.15 -3.73
C GLY B 82 -17.40 11.28 -3.59
N THR B 83 -17.87 12.51 -3.79
CA THR B 83 -19.31 12.74 -3.82
C THR B 83 -19.94 12.21 -5.09
N ASP B 84 -19.16 12.12 -6.18
CA ASP B 84 -19.61 11.44 -7.37
C ASP B 84 -19.62 9.93 -7.22
N SER B 85 -18.86 9.41 -6.24
CA SER B 85 -18.87 8.02 -5.77
C SER B 85 -18.42 7.01 -6.82
N ARG B 86 -17.79 7.49 -7.89
CA ARG B 86 -17.24 6.65 -8.95
C ARG B 86 -15.72 6.70 -8.95
N LEU B 87 -15.15 7.85 -8.60
CA LEU B 87 -13.71 8.04 -8.56
C LEU B 87 -13.27 8.02 -7.09
N LEU B 88 -12.20 7.28 -6.81
CA LEU B 88 -11.66 7.24 -5.45
C LEU B 88 -10.18 7.57 -5.52
N VAL B 89 -9.71 8.37 -4.63
CA VAL B 89 -8.28 8.63 -4.55
C VAL B 89 -7.66 7.58 -3.61
N SER B 90 -6.48 7.08 -3.97
CA SER B 90 -5.78 6.12 -3.12
C SER B 90 -4.30 6.48 -3.04
N ALA B 91 -3.80 6.60 -1.82
CA ALA B 91 -2.40 6.91 -1.53
C ALA B 91 -1.72 5.67 -0.98
N SER B 92 -0.75 5.17 -1.74
CA SER B 92 0.12 4.10 -1.31
C SER B 92 1.54 4.62 -1.13
N GLN B 93 2.30 3.90 -0.31
CA GLN B 93 3.61 4.31 0.16
C GLN B 93 4.72 4.18 -0.90
N ASP B 94 4.39 3.93 -2.16
CA ASP B 94 5.40 3.88 -3.22
C ASP B 94 5.86 5.28 -3.64
N GLY B 95 4.95 6.25 -3.62
CA GLY B 95 5.22 7.54 -4.23
C GLY B 95 4.32 7.76 -5.42
N LYS B 96 3.14 7.13 -5.40
CA LYS B 96 2.13 7.31 -6.44
C LYS B 96 0.76 7.50 -5.82
N LEU B 97 0.00 8.41 -6.39
CA LEU B 97 -1.38 8.69 -6.02
C LEU B 97 -2.27 8.25 -7.18
N ILE B 98 -3.13 7.27 -6.97
CA ILE B 98 -3.95 6.75 -8.07
C ILE B 98 -5.41 7.06 -7.80
N ILE B 99 -6.04 7.79 -8.70
CA ILE B 99 -7.49 7.87 -8.74
C ILE B 99 -7.98 6.60 -9.43
N TRP B 100 -9.07 6.04 -8.93
CA TRP B 100 -9.64 4.83 -9.50
C TRP B 100 -11.07 5.10 -9.91
N ASP B 101 -11.33 4.96 -11.20
CA ASP B 101 -12.68 4.86 -11.74
C ASP B 101 -13.18 3.48 -11.34
N SER B 102 -13.93 3.44 -10.24
CA SER B 102 -14.26 2.17 -9.59
C SER B 102 -15.30 1.38 -10.36
N TYR B 103 -16.14 2.05 -11.17
CA TYR B 103 -17.16 1.31 -11.91
C TYR B 103 -16.55 0.54 -13.08
N THR B 104 -15.40 0.97 -13.59
CA THR B 104 -14.74 0.30 -14.70
C THR B 104 -13.33 -0.15 -14.37
N THR B 105 -12.87 0.09 -13.13
CA THR B 105 -11.52 -0.23 -12.64
C THR B 105 -10.46 0.45 -13.55
N ASN B 106 -10.55 1.77 -13.67
CA ASN B 106 -9.59 2.51 -14.48
C ASN B 106 -8.65 3.32 -13.60
N LYS B 107 -7.38 3.36 -13.98
CA LYS B 107 -6.36 4.09 -13.23
C LYS B 107 -6.29 5.52 -13.76
N VAL B 108 -7.14 6.36 -13.21
CA VAL B 108 -7.14 7.78 -13.53
C VAL B 108 -6.00 8.44 -12.76
N HIS B 109 -5.16 9.19 -13.47
CA HIS B 109 -4.26 10.20 -12.90
C HIS B 109 -3.26 9.64 -11.89
N ALA B 110 -2.58 8.55 -12.23
CA ALA B 110 -1.50 8.10 -11.36
C ALA B 110 -0.27 8.97 -11.61
N ILE B 111 0.20 9.62 -10.56
CA ILE B 111 1.13 10.75 -10.67
C ILE B 111 2.34 10.55 -9.77
N PRO B 112 3.54 10.85 -10.25
CA PRO B 112 4.73 10.72 -9.41
C PRO B 112 4.73 11.81 -8.33
N LEU B 113 5.28 11.47 -7.18
CA LEU B 113 5.17 12.34 -6.02
C LEU B 113 6.55 12.85 -5.60
N ARG B 114 6.55 14.03 -4.96
CA ARG B 114 7.78 14.56 -4.39
C ARG B 114 8.27 13.71 -3.23
N SER B 115 7.35 13.15 -2.45
CA SER B 115 7.66 12.29 -1.32
C SER B 115 7.27 10.86 -1.68
N SER B 116 8.20 9.93 -1.46
CA SER B 116 7.89 8.51 -1.67
C SER B 116 6.85 8.02 -0.68
N TRP B 117 6.90 8.51 0.56
CA TRP B 117 5.99 8.05 1.61
C TRP B 117 4.86 9.06 1.75
N VAL B 118 3.72 8.73 1.18
CA VAL B 118 2.48 9.50 1.36
C VAL B 118 1.56 8.69 2.26
N MET B 119 1.06 9.34 3.31
CA MET B 119 0.26 8.68 4.32
C MET B 119 -1.22 8.97 4.21
N THR B 120 -1.62 9.94 3.38
CA THR B 120 -3.02 10.25 3.28
C THR B 120 -3.35 10.84 1.93
N CYS B 121 -4.63 10.76 1.60
CA CYS B 121 -5.19 11.47 0.47
C CYS B 121 -6.66 11.72 0.74
N ALA B 122 -7.13 12.89 0.35
CA ALA B 122 -8.53 13.19 0.31
C ALA B 122 -8.91 13.49 -1.13
N TYR B 123 -10.20 13.48 -1.41
CA TYR B 123 -10.70 13.82 -2.73
C TYR B 123 -11.67 14.97 -2.51
N ALA B 124 -11.57 15.99 -3.37
CA ALA B 124 -12.39 17.18 -3.18
C ALA B 124 -13.86 16.84 -3.44
N PRO B 125 -14.78 17.42 -2.65
CA PRO B 125 -16.21 17.15 -2.87
C PRO B 125 -16.72 17.60 -4.23
N SER B 126 -16.12 18.63 -4.82
CA SER B 126 -16.37 18.93 -6.23
C SER B 126 -15.62 17.95 -7.13
N GLY B 127 -14.41 17.58 -6.76
CA GLY B 127 -13.63 16.61 -7.50
C GLY B 127 -12.36 17.12 -8.15
N ASN B 128 -11.97 18.37 -7.92
CA ASN B 128 -10.82 18.93 -8.60
C ASN B 128 -9.50 18.61 -7.89
N TYR B 129 -9.52 18.50 -6.57
CA TYR B 129 -8.31 18.55 -5.76
C TYR B 129 -8.11 17.26 -4.98
N VAL B 130 -6.83 16.91 -4.78
CA VAL B 130 -6.41 15.81 -3.93
C VAL B 130 -5.24 16.29 -3.07
N ALA B 131 -4.99 15.56 -1.98
CA ALA B 131 -4.09 16.04 -0.92
C ALA B 131 -3.05 14.97 -0.57
N CYS B 132 -1.88 15.04 -1.20
CA CYS B 132 -0.79 14.12 -0.86
C CYS B 132 -0.14 14.57 0.44
N GLY B 133 -0.38 13.85 1.52
CA GLY B 133 0.26 14.13 2.78
C GLY B 133 0.92 12.90 3.36
N GLY B 134 2.10 13.10 3.93
CA GLY B 134 2.82 11.95 4.45
C GLY B 134 3.96 12.31 5.39
N LEU B 135 5.08 11.61 5.24
CA LEU B 135 6.24 11.84 6.10
C LEU B 135 6.87 13.21 5.88
N ASP B 136 6.70 13.78 4.68
CA ASP B 136 7.43 14.95 4.22
C ASP B 136 7.09 16.26 4.96
N ASN B 137 6.19 16.23 5.94
CA ASN B 137 5.61 17.41 6.61
C ASN B 137 4.90 18.33 5.63
N ILE B 138 4.40 17.77 4.53
CA ILE B 138 3.83 18.54 3.43
C ILE B 138 2.49 17.91 3.05
N CYS B 139 1.44 18.72 3.04
CA CYS B 139 0.19 18.37 2.37
C CYS B 139 0.21 19.06 1.01
N SER B 140 0.81 18.41 0.02
CA SER B 140 0.84 18.99 -1.31
C SER B 140 -0.53 18.81 -1.97
N ILE B 141 -1.16 19.91 -2.36
CA ILE B 141 -2.48 19.87 -2.98
C ILE B 141 -2.30 19.81 -4.48
N TYR B 142 -2.86 18.79 -5.11
CA TYR B 142 -2.71 18.54 -6.53
C TYR B 142 -4.06 18.67 -7.21
N ASN B 143 -4.12 19.48 -8.26
CA ASN B 143 -5.38 19.78 -8.95
C ASN B 143 -5.55 18.78 -10.09
N LEU B 144 -6.51 17.87 -9.95
CA LEU B 144 -6.76 16.88 -10.99
C LEU B 144 -7.37 17.52 -12.24
N LYS B 145 -8.41 18.34 -12.05
CA LYS B 145 -9.12 18.96 -13.17
C LYS B 145 -8.45 20.28 -13.54
N THR B 146 -7.28 20.15 -14.16
CA THR B 146 -6.56 21.26 -14.75
C THR B 146 -6.79 21.32 -16.24
N ARG B 147 -6.31 22.41 -16.85
CA ARG B 147 -6.14 22.42 -18.30
C ARG B 147 -4.93 21.58 -18.68
N GLU B 148 -3.97 21.45 -17.77
CA GLU B 148 -2.88 20.51 -17.92
C GLU B 148 -3.37 19.08 -17.73
N GLY B 149 -2.59 18.13 -18.22
CA GLY B 149 -2.92 16.73 -18.06
C GLY B 149 -2.19 16.04 -16.94
N ASN B 150 -0.91 16.40 -16.77
CA ASN B 150 -0.23 16.03 -15.54
C ASN B 150 -0.88 16.77 -14.38
N VAL B 151 -1.10 16.06 -13.28
CA VAL B 151 -1.81 16.66 -12.17
C VAL B 151 -0.79 17.50 -11.44
N ARG B 152 -0.72 18.78 -11.82
CA ARG B 152 0.33 19.66 -11.35
C ARG B 152 0.04 20.10 -9.92
N VAL B 153 1.05 20.69 -9.29
CA VAL B 153 0.92 21.12 -7.91
C VAL B 153 0.18 22.45 -7.86
N SER B 154 -0.85 22.51 -7.01
CA SER B 154 -1.45 23.80 -6.70
C SER B 154 -0.46 24.58 -5.84
N ARG B 155 -0.19 24.03 -4.65
CA ARG B 155 0.93 24.41 -3.80
C ARG B 155 1.15 23.33 -2.76
N GLU B 156 2.35 23.35 -2.18
CA GLU B 156 2.72 22.45 -1.09
C GLU B 156 2.33 23.15 0.22
N LEU B 157 1.34 22.60 0.93
CA LEU B 157 0.97 23.10 2.24
C LEU B 157 2.01 22.58 3.23
N ALA B 158 3.07 23.37 3.38
CA ALA B 158 4.14 23.09 4.33
C ALA B 158 3.98 23.98 5.55
N GLY B 159 4.50 23.51 6.68
CA GLY B 159 4.37 24.25 7.92
C GLY B 159 4.18 23.36 9.12
N HIS B 160 3.90 22.09 8.88
CA HIS B 160 3.73 21.14 9.97
C HIS B 160 5.08 20.63 10.46
N THR B 161 5.14 20.32 11.76
CA THR B 161 6.32 19.72 12.36
C THR B 161 6.12 18.23 12.62
N GLY B 162 5.09 17.64 12.02
CA GLY B 162 4.83 16.22 12.14
C GLY B 162 4.18 15.73 10.87
N TYR B 163 4.15 14.41 10.73
CA TYR B 163 3.73 13.77 9.49
C TYR B 163 2.25 14.04 9.21
N LEU B 164 1.92 14.25 7.94
CA LEU B 164 0.52 14.45 7.55
C LEU B 164 -0.15 13.09 7.47
N SER B 165 -1.09 12.84 8.38
CA SER B 165 -1.68 11.54 8.58
C SER B 165 -3.10 11.41 8.01
N CYS B 166 -3.88 12.50 8.00
CA CYS B 166 -5.17 12.47 7.32
C CYS B 166 -5.47 13.88 6.82
N CYS B 167 -6.24 13.95 5.73
CA CYS B 167 -6.74 15.22 5.22
C CYS B 167 -8.18 15.04 4.79
N ARG B 168 -8.93 16.14 4.84
CA ARG B 168 -10.33 16.18 4.40
C ARG B 168 -10.58 17.56 3.82
N PHE B 169 -10.97 17.63 2.55
CA PHE B 169 -11.25 18.91 1.91
C PHE B 169 -12.58 19.47 2.38
N LEU B 170 -12.52 20.64 3.02
CA LEU B 170 -13.73 21.43 3.27
C LEU B 170 -14.39 21.83 1.96
N ASP B 171 -13.69 22.62 1.16
CA ASP B 171 -14.14 23.03 -0.16
C ASP B 171 -12.98 22.87 -1.12
N ASP B 172 -13.10 23.49 -2.30
CA ASP B 172 -12.00 23.53 -3.25
C ASP B 172 -10.82 24.32 -2.70
N ASN B 173 -11.09 25.44 -2.05
CA ASN B 173 -10.04 26.33 -1.56
C ASN B 173 -9.80 26.19 -0.06
N GLN B 174 -10.35 25.16 0.58
CA GLN B 174 -10.25 25.03 2.02
C GLN B 174 -10.14 23.56 2.39
N ILE B 175 -9.20 23.25 3.27
CA ILE B 175 -8.94 21.88 3.69
C ILE B 175 -8.55 21.89 5.17
N VAL B 176 -8.95 20.84 5.90
CA VAL B 176 -8.41 20.53 7.21
C VAL B 176 -7.48 19.33 7.05
N THR B 177 -6.32 19.39 7.72
CA THR B 177 -5.31 18.35 7.61
C THR B 177 -4.92 17.87 9.00
N SER B 178 -5.03 16.56 9.20
CA SER B 178 -4.54 15.91 10.41
C SER B 178 -3.03 15.71 10.29
N SER B 179 -2.30 16.12 11.34
CA SER B 179 -0.86 16.02 11.30
C SER B 179 -0.36 15.34 12.56
N GLY B 180 0.81 14.71 12.43
CA GLY B 180 1.41 13.99 13.52
C GLY B 180 2.28 14.83 14.43
N ASP B 181 1.83 16.04 14.78
CA ASP B 181 2.53 16.92 15.70
C ASP B 181 1.62 17.53 16.76
N THR B 182 0.62 16.75 17.21
CA THR B 182 -0.48 17.11 18.13
C THR B 182 -1.44 18.16 17.56
N THR B 183 -1.23 18.62 16.34
CA THR B 183 -1.99 19.73 15.79
C THR B 183 -2.67 19.27 14.51
N CYS B 184 -3.99 19.45 14.46
CA CYS B 184 -4.63 19.52 13.16
C CYS B 184 -4.48 20.93 12.61
N ALA B 185 -4.83 21.11 11.34
CA ALA B 185 -4.75 22.45 10.79
C ALA B 185 -5.77 22.62 9.69
N LEU B 186 -6.59 23.67 9.83
CA LEU B 186 -7.42 24.14 8.73
C LEU B 186 -6.56 25.09 7.91
N TRP B 187 -6.45 24.81 6.61
CA TRP B 187 -5.57 25.55 5.72
C TRP B 187 -6.39 26.46 4.81
N ASP B 188 -5.69 27.13 3.91
CA ASP B 188 -6.29 27.95 2.85
C ASP B 188 -5.47 27.69 1.59
N ILE B 189 -6.03 26.89 0.68
CA ILE B 189 -5.28 26.43 -0.48
C ILE B 189 -5.05 27.53 -1.50
N GLU B 190 -5.88 28.59 -1.50
CA GLU B 190 -5.60 29.73 -2.36
C GLU B 190 -4.44 30.57 -1.85
N THR B 191 -4.12 30.49 -0.55
CA THR B 191 -3.01 31.23 0.01
C THR B 191 -1.83 30.36 0.40
N GLY B 192 -2.07 29.13 0.84
CA GLY B 192 -1.00 28.23 1.24
C GLY B 192 -0.62 28.27 2.70
N GLN B 193 -1.27 29.10 3.50
CA GLN B 193 -0.95 29.25 4.91
C GLN B 193 -2.09 28.72 5.76
N GLN B 194 -1.75 28.31 6.98
CA GLN B 194 -2.70 27.69 7.90
C GLN B 194 -3.73 28.71 8.37
N THR B 195 -5.00 28.48 8.02
CA THR B 195 -6.06 29.38 8.48
C THR B 195 -6.20 29.33 10.00
N THR B 196 -6.23 28.13 10.56
CA THR B 196 -6.16 27.98 12.00
C THR B 196 -5.51 26.64 12.35
N THR B 197 -4.98 26.57 13.57
CA THR B 197 -4.27 25.41 14.05
C THR B 197 -5.00 24.85 15.26
N PHE B 198 -5.28 23.55 15.23
CA PHE B 198 -6.02 22.85 16.27
C PHE B 198 -5.00 22.15 17.16
N THR B 199 -4.66 22.80 18.28
CA THR B 199 -3.67 22.31 19.22
C THR B 199 -4.38 22.06 20.55
N GLY B 200 -4.94 20.86 20.71
CA GLY B 200 -5.52 20.45 21.98
C GLY B 200 -5.04 19.08 22.40
N HIS B 201 -4.52 18.32 21.45
CA HIS B 201 -4.11 16.95 21.70
C HIS B 201 -2.72 16.90 22.31
N THR B 202 -2.44 15.79 23.00
CA THR B 202 -1.12 15.53 23.56
C THR B 202 -0.35 14.46 22.80
N GLY B 203 -1.02 13.65 22.00
CA GLY B 203 -0.36 12.69 21.14
C GLY B 203 -0.47 13.07 19.68
N ASP B 204 0.38 12.48 18.83
CA ASP B 204 0.30 12.71 17.40
C ASP B 204 -1.00 12.15 16.81
N VAL B 205 -1.50 12.82 15.78
CA VAL B 205 -2.91 12.77 15.41
C VAL B 205 -3.03 12.06 14.08
N MET B 206 -3.90 11.04 14.02
CA MET B 206 -3.91 10.12 12.88
C MET B 206 -5.03 10.37 11.88
N SER B 207 -6.22 10.68 12.35
CA SER B 207 -7.43 10.44 11.59
C SER B 207 -8.35 11.65 11.63
N LEU B 208 -9.15 11.77 10.57
CA LEU B 208 -9.92 12.98 10.29
C LEU B 208 -11.20 12.60 9.58
N SER B 209 -12.24 13.40 9.79
CA SER B 209 -13.49 13.26 9.07
C SER B 209 -14.28 14.56 9.16
N LEU B 210 -14.99 14.88 8.09
CA LEU B 210 -15.90 16.02 8.06
C LEU B 210 -17.34 15.55 8.09
N ALA B 211 -18.20 16.31 8.77
CA ALA B 211 -19.61 16.00 8.89
C ALA B 211 -20.37 16.47 7.67
N PRO B 212 -21.62 16.01 7.49
CA PRO B 212 -22.49 16.64 6.48
C PRO B 212 -22.68 18.13 6.68
N ASP B 213 -22.84 18.60 7.92
CA ASP B 213 -22.58 20.01 8.23
C ASP B 213 -21.07 20.17 8.37
N THR B 214 -20.45 20.62 7.29
CA THR B 214 -19.02 20.45 7.05
C THR B 214 -18.16 21.34 7.96
N ARG B 215 -18.77 22.35 8.58
CA ARG B 215 -18.08 23.29 9.47
C ARG B 215 -17.66 22.68 10.81
N LEU B 216 -18.03 21.43 11.09
CA LEU B 216 -17.78 20.80 12.38
C LEU B 216 -17.09 19.46 12.12
N PHE B 217 -15.80 19.37 12.43
CA PHE B 217 -15.10 18.11 12.18
C PHE B 217 -14.66 17.48 13.49
N VAL B 218 -14.20 16.23 13.40
CA VAL B 218 -13.72 15.48 14.55
C VAL B 218 -12.45 14.76 14.16
N SER B 219 -11.53 14.65 15.13
CA SER B 219 -10.17 14.17 14.85
C SER B 219 -9.67 13.29 15.97
N GLY B 220 -9.09 12.16 15.61
CA GLY B 220 -8.59 11.18 16.57
C GLY B 220 -7.07 11.14 16.59
N ALA B 221 -6.53 10.92 17.78
CA ALA B 221 -5.09 10.97 18.00
C ALA B 221 -4.66 9.80 18.88
N CYS B 222 -3.35 9.73 19.12
CA CYS B 222 -2.74 8.66 19.88
C CYS B 222 -2.68 8.94 21.37
N ASP B 223 -3.60 9.74 21.91
CA ASP B 223 -3.76 9.89 23.34
C ASP B 223 -5.11 9.38 23.82
N ALA B 224 -5.73 8.46 23.05
CA ALA B 224 -7.02 7.82 23.35
C ALA B 224 -8.15 8.84 23.51
N SER B 225 -8.04 9.98 22.84
CA SER B 225 -9.02 11.05 22.97
C SER B 225 -9.20 11.70 21.62
N ALA B 226 -10.34 11.43 20.99
CA ALA B 226 -10.74 12.16 19.79
C ALA B 226 -11.48 13.43 20.20
N LYS B 227 -11.12 14.55 19.60
CA LYS B 227 -11.79 15.80 19.89
C LYS B 227 -12.57 16.30 18.69
N LEU B 228 -13.73 16.89 18.98
CA LEU B 228 -14.58 17.52 17.98
C LEU B 228 -14.23 19.00 17.93
N TRP B 229 -13.78 19.47 16.77
CA TRP B 229 -13.30 20.82 16.57
C TRP B 229 -14.25 21.56 15.63
N ASP B 230 -14.19 22.89 15.70
CA ASP B 230 -14.93 23.76 14.82
C ASP B 230 -14.02 24.30 13.73
N VAL B 231 -14.48 24.24 12.48
CA VAL B 231 -13.70 24.79 11.38
C VAL B 231 -13.72 26.32 11.41
N ARG B 232 -14.90 26.91 11.52
CA ARG B 232 -15.01 28.37 11.44
C ARG B 232 -14.67 29.05 12.77
N GLU B 233 -15.09 28.47 13.90
CA GLU B 233 -14.72 29.05 15.19
C GLU B 233 -13.24 28.80 15.49
N GLY B 234 -12.67 27.72 14.95
CA GLY B 234 -11.24 27.57 14.84
C GLY B 234 -10.58 26.73 15.91
N MET B 235 -11.30 26.29 16.93
CA MET B 235 -10.66 25.53 18.00
C MET B 235 -11.68 24.53 18.56
N CYS B 236 -11.37 23.95 19.71
CA CYS B 236 -12.02 22.72 20.18
C CYS B 236 -13.41 22.99 20.72
N ARG B 237 -14.34 22.10 20.38
CA ARG B 237 -15.67 22.12 20.98
C ARG B 237 -15.87 21.01 22.01
N GLN B 238 -15.44 19.79 21.69
CA GLN B 238 -15.81 18.62 22.49
C GLN B 238 -14.60 17.69 22.59
N THR B 239 -14.55 16.91 23.67
CA THR B 239 -13.43 16.01 23.94
C THR B 239 -13.97 14.64 24.32
N PHE B 240 -13.39 13.58 23.75
CA PHE B 240 -13.88 12.21 23.95
C PHE B 240 -12.69 11.30 24.27
N THR B 241 -12.62 10.86 25.52
CA THR B 241 -11.51 10.05 26.01
C THR B 241 -11.91 8.59 26.21
N GLY B 242 -12.77 8.06 25.33
CA GLY B 242 -13.33 6.74 25.56
C GLY B 242 -12.41 5.57 25.24
N HIS B 243 -11.52 5.73 24.25
CA HIS B 243 -10.55 4.67 24.00
C HIS B 243 -9.50 4.54 25.09
N GLU B 244 -8.61 3.59 24.81
CA GLU B 244 -7.55 3.18 25.71
C GLU B 244 -6.26 2.97 24.94
N SER B 245 -6.22 3.34 23.66
CA SER B 245 -5.02 3.22 22.83
C SER B 245 -5.12 4.22 21.68
N ASP B 246 -4.30 4.01 20.66
CA ASP B 246 -3.94 5.03 19.67
C ASP B 246 -4.94 5.05 18.52
N ILE B 247 -5.69 6.15 18.39
CA ILE B 247 -6.84 6.20 17.49
C ILE B 247 -6.34 6.33 16.05
N ASN B 248 -6.38 5.23 15.29
CA ASN B 248 -6.08 5.27 13.87
C ASN B 248 -7.26 5.67 13.01
N ALA B 249 -8.48 5.61 13.55
CA ALA B 249 -9.68 5.58 12.72
C ALA B 249 -10.73 6.50 13.31
N ILE B 250 -11.35 7.33 12.46
CA ILE B 250 -12.47 8.13 12.91
C ILE B 250 -13.36 8.41 11.70
N CYS B 251 -14.67 8.49 11.95
CA CYS B 251 -15.62 8.94 10.95
C CYS B 251 -16.89 9.38 11.66
N PHE B 252 -17.53 10.42 11.14
CA PHE B 252 -18.85 10.78 11.64
C PHE B 252 -19.92 9.74 11.31
N PHE B 253 -20.90 9.67 12.21
CA PHE B 253 -22.21 9.18 11.85
C PHE B 253 -22.76 10.05 10.72
N PRO B 254 -23.43 9.48 9.74
CA PRO B 254 -23.77 10.25 8.53
C PRO B 254 -24.85 11.32 8.70
N ASN B 255 -25.30 11.58 9.92
CA ASN B 255 -26.08 12.79 10.20
C ASN B 255 -25.21 13.95 10.65
N GLY B 256 -23.94 13.69 10.93
CA GLY B 256 -23.09 14.70 11.54
C GLY B 256 -23.36 14.92 13.01
N ASN B 257 -23.96 13.95 13.69
CA ASN B 257 -24.33 14.09 15.09
C ASN B 257 -23.69 13.04 15.99
N ALA B 258 -22.92 12.11 15.45
CA ALA B 258 -22.15 11.15 16.23
C ALA B 258 -20.94 10.75 15.40
N PHE B 259 -20.06 9.92 15.96
CA PHE B 259 -18.81 9.56 15.30
C PHE B 259 -18.20 8.31 15.95
N ALA B 260 -17.59 7.46 15.13
CA ALA B 260 -16.96 6.22 15.55
C ALA B 260 -15.45 6.30 15.35
N THR B 261 -14.72 5.81 16.35
CA THR B 261 -13.27 5.70 16.34
C THR B 261 -12.81 4.27 16.53
N GLY B 262 -11.78 3.91 15.79
CA GLY B 262 -11.10 2.63 15.95
C GLY B 262 -9.63 2.84 16.25
N SER B 263 -9.09 2.01 17.13
CA SER B 263 -7.71 2.18 17.56
C SER B 263 -6.95 0.87 17.63
N ASP B 264 -5.77 0.91 18.26
CA ASP B 264 -4.88 -0.25 18.34
C ASP B 264 -5.32 -1.25 19.40
N ASP B 265 -6.38 -0.98 20.16
CA ASP B 265 -6.76 -1.73 21.33
C ASP B 265 -7.71 -2.88 21.05
N ALA B 266 -7.94 -3.20 19.77
CA ALA B 266 -8.93 -4.20 19.33
C ALA B 266 -10.33 -3.90 19.83
N THR B 267 -10.67 -2.62 19.98
CA THR B 267 -11.98 -2.22 20.49
C THR B 267 -12.37 -0.93 19.77
N CYS B 268 -13.25 -1.05 18.77
CA CYS B 268 -13.86 0.13 18.18
C CYS B 268 -14.86 0.70 19.18
N ARG B 269 -15.00 2.03 19.21
CA ARG B 269 -16.03 2.65 20.04
C ARG B 269 -16.73 3.76 19.28
N LEU B 270 -18.04 3.82 19.44
CA LEU B 270 -18.86 4.87 18.88
C LEU B 270 -19.25 5.85 19.97
N PHE B 271 -19.02 7.14 19.72
CA PHE B 271 -19.33 8.28 20.55
C PHE B 271 -20.44 9.10 19.91
N ASP B 272 -21.10 9.92 20.73
CA ASP B 272 -22.11 10.85 20.28
C ASP B 272 -21.50 12.24 20.11
N LEU B 273 -22.31 13.20 19.69
CA LEU B 273 -21.98 14.62 19.81
C LEU B 273 -22.93 15.34 20.76
N ARG B 274 -24.21 15.00 20.72
CA ARG B 274 -25.16 15.53 21.68
C ARG B 274 -24.97 14.95 23.07
N ALA B 275 -24.24 13.83 23.17
CA ALA B 275 -23.72 13.34 24.44
C ALA B 275 -22.19 13.34 24.38
N ASP B 276 -21.56 13.45 25.54
CA ASP B 276 -20.11 13.60 25.64
C ASP B 276 -19.39 12.29 25.88
N GLN B 277 -20.11 11.17 25.95
CA GLN B 277 -19.49 9.90 26.31
C GLN B 277 -19.71 8.85 25.24
N GLU B 278 -19.19 7.67 25.53
CA GLU B 278 -19.25 6.52 24.63
C GLU B 278 -20.68 6.03 24.46
N LEU B 279 -21.04 5.70 23.22
CA LEU B 279 -22.25 4.94 23.01
C LEU B 279 -21.99 3.44 23.04
N MET B 280 -21.06 2.93 22.22
CA MET B 280 -20.80 1.47 22.26
C MET B 280 -19.35 1.06 22.08
N THR B 281 -19.08 -0.14 22.61
CA THR B 281 -17.90 -0.96 22.35
C THR B 281 -18.17 -1.90 21.19
N TYR B 282 -17.13 -2.20 20.41
CA TYR B 282 -17.13 -3.18 19.33
C TYR B 282 -15.83 -3.96 19.47
N SER B 283 -15.89 -5.06 20.23
CA SER B 283 -14.69 -5.81 20.59
C SER B 283 -15.09 -7.27 20.85
N HIS B 284 -14.81 -8.14 19.89
CA HIS B 284 -14.99 -9.57 20.08
C HIS B 284 -13.75 -10.06 20.82
N ASP B 285 -13.90 -10.80 21.92
CA ASP B 285 -12.76 -11.31 22.67
C ASP B 285 -11.67 -11.94 21.78
N ASN B 286 -12.12 -12.37 20.61
CA ASN B 286 -11.26 -13.00 19.61
C ASN B 286 -10.47 -11.97 18.82
N ILE B 287 -10.82 -10.69 18.94
CA ILE B 287 -10.08 -9.66 18.22
C ILE B 287 -9.02 -9.09 19.16
N ILE B 288 -7.79 -9.52 18.94
CA ILE B 288 -6.66 -9.07 19.74
C ILE B 288 -5.76 -8.29 18.82
N CYS B 289 -6.39 -7.66 17.84
CA CYS B 289 -5.67 -6.85 16.86
C CYS B 289 -6.37 -5.52 16.65
N GLY B 290 -5.58 -4.46 16.45
CA GLY B 290 -6.12 -3.12 16.44
C GLY B 290 -6.89 -2.76 15.18
N ILE B 291 -7.47 -1.57 15.19
CA ILE B 291 -8.29 -1.05 14.10
C ILE B 291 -7.51 0.06 13.42
N THR B 292 -7.51 0.06 12.08
CA THR B 292 -6.93 1.18 11.36
C THR B 292 -7.98 2.13 10.77
N SER B 293 -9.12 1.61 10.31
CA SER B 293 -10.00 2.38 9.45
C SER B 293 -11.46 2.09 9.78
N VAL B 294 -12.28 3.15 9.76
CA VAL B 294 -13.74 3.03 9.89
C VAL B 294 -14.39 3.91 8.85
N SER B 295 -15.62 3.55 8.47
CA SER B 295 -16.45 4.37 7.60
C SER B 295 -17.91 3.95 7.81
N PHE B 296 -18.83 4.74 7.27
CA PHE B 296 -20.25 4.52 7.49
C PHE B 296 -21.03 4.61 6.18
N SER B 297 -22.01 3.73 6.01
CA SER B 297 -22.79 3.61 4.77
C SER B 297 -24.15 4.29 4.86
N LYS B 298 -24.15 5.62 5.03
CA LYS B 298 -25.33 6.47 5.22
C LYS B 298 -26.20 6.08 6.43
N SER B 299 -25.73 5.21 7.31
CA SER B 299 -26.51 4.75 8.43
C SER B 299 -25.56 4.13 9.44
N GLY B 300 -25.93 4.21 10.70
CA GLY B 300 -25.15 3.56 11.72
C GLY B 300 -25.61 2.15 11.98
N ARG B 301 -26.55 1.68 11.17
CA ARG B 301 -26.94 0.27 11.23
C ARG B 301 -25.80 -0.62 10.76
N LEU B 302 -24.85 -0.03 10.03
CA LEU B 302 -23.67 -0.77 9.56
C LEU B 302 -22.35 0.03 9.62
N LEU B 303 -21.37 -0.42 10.39
CA LEU B 303 -20.09 0.26 10.51
C LEU B 303 -18.94 -0.63 10.09
N LEU B 304 -18.01 -0.11 9.31
CA LEU B 304 -16.87 -0.90 8.87
C LEU B 304 -15.63 -0.51 9.65
N ALA B 305 -14.99 -1.50 10.28
CA ALA B 305 -13.81 -1.24 11.08
C ALA B 305 -12.69 -2.18 10.65
N GLY B 306 -11.89 -1.71 9.72
CA GLY B 306 -10.78 -2.50 9.19
C GLY B 306 -9.77 -2.76 10.28
N TYR B 307 -9.38 -4.03 10.43
CA TYR B 307 -8.63 -4.43 11.61
C TYR B 307 -7.19 -4.72 11.20
N ASP B 308 -6.42 -5.24 12.15
CA ASP B 308 -5.01 -5.55 11.90
C ASP B 308 -4.77 -7.01 11.53
N ASP B 309 -5.81 -7.85 11.58
CA ASP B 309 -5.74 -9.26 11.20
C ASP B 309 -6.02 -9.50 9.73
N PHE B 310 -5.69 -8.54 8.87
CA PHE B 310 -5.62 -8.60 7.40
C PHE B 310 -7.02 -8.57 6.80
N ASN B 311 -8.07 -8.45 7.61
CA ASN B 311 -9.44 -8.51 7.13
C ASN B 311 -10.27 -7.45 7.86
N CYS B 312 -11.39 -7.07 7.25
CA CYS B 312 -12.25 -6.04 7.82
C CYS B 312 -13.45 -6.69 8.50
N ASN B 313 -13.79 -6.22 9.70
CA ASN B 313 -14.96 -6.72 10.39
C ASN B 313 -16.08 -5.68 10.38
N VAL B 314 -17.26 -6.12 9.98
CA VAL B 314 -18.47 -5.29 9.97
C VAL B 314 -19.19 -5.47 11.29
N TRP B 315 -19.29 -4.39 12.05
CA TRP B 315 -20.00 -4.33 13.31
C TRP B 315 -21.34 -3.64 13.11
N ASP B 316 -22.41 -4.27 13.57
CA ASP B 316 -23.71 -3.58 13.64
C ASP B 316 -23.62 -2.61 14.80
N ALA B 317 -23.56 -1.31 14.50
CA ALA B 317 -23.34 -0.32 15.55
C ALA B 317 -24.60 0.00 16.34
N LEU B 318 -25.67 -0.76 16.18
CA LEU B 318 -26.79 -0.70 17.09
C LEU B 318 -27.00 -1.98 17.88
N LYS B 319 -26.29 -3.06 17.56
CA LYS B 319 -26.29 -4.26 18.38
C LYS B 319 -24.91 -4.76 18.79
N ALA B 320 -23.82 -4.14 18.28
CA ALA B 320 -22.43 -4.38 18.71
C ALA B 320 -21.99 -5.82 18.51
N ASP B 321 -22.38 -6.41 17.38
CA ASP B 321 -21.97 -7.75 17.00
C ASP B 321 -21.35 -7.74 15.61
N ARG B 322 -20.50 -8.72 15.33
CA ARG B 322 -19.82 -8.82 14.04
C ARG B 322 -20.83 -9.21 12.98
N ALA B 323 -21.30 -8.21 12.21
CA ALA B 323 -22.22 -8.48 11.13
C ALA B 323 -21.56 -9.07 9.90
N GLY B 324 -20.27 -8.85 9.70
CA GLY B 324 -19.67 -9.33 8.47
C GLY B 324 -18.16 -9.48 8.51
N VAL B 325 -17.65 -10.26 7.56
CA VAL B 325 -16.21 -10.52 7.42
C VAL B 325 -15.81 -10.21 5.98
N LEU B 326 -14.87 -9.28 5.83
CA LEU B 326 -14.24 -8.94 4.55
C LEU B 326 -12.82 -9.49 4.56
N ALA B 327 -12.70 -10.77 4.24
CA ALA B 327 -11.41 -11.47 4.16
C ALA B 327 -11.00 -11.51 2.70
N GLY B 328 -10.37 -10.44 2.23
CA GLY B 328 -9.94 -10.37 0.85
C GLY B 328 -8.57 -9.75 0.70
N HIS B 329 -7.73 -9.86 1.73
CA HIS B 329 -6.42 -9.24 1.72
C HIS B 329 -5.40 -10.16 2.36
N ASP B 330 -4.20 -10.20 1.79
CA ASP B 330 -3.10 -10.99 2.34
C ASP B 330 -2.16 -10.15 3.20
N ASN B 331 -2.58 -8.91 3.45
CA ASN B 331 -1.87 -7.93 4.28
C ASN B 331 -2.90 -7.07 5.02
N ARG B 332 -2.45 -6.25 5.95
CA ARG B 332 -3.36 -5.41 6.74
C ARG B 332 -4.15 -4.36 5.96
N VAL B 333 -5.42 -4.20 6.34
CA VAL B 333 -6.29 -3.23 5.71
C VAL B 333 -5.99 -1.90 6.37
N SER B 334 -5.48 -0.97 5.58
CA SER B 334 -5.08 0.31 6.11
C SER B 334 -6.02 1.45 5.75
N CYS B 335 -6.96 1.26 4.84
CA CYS B 335 -7.88 2.36 4.49
C CYS B 335 -9.17 1.87 3.88
N LEU B 336 -10.26 2.02 4.62
CA LEU B 336 -11.55 1.61 4.10
C LEU B 336 -12.53 2.78 4.07
N GLY B 337 -13.17 3.00 2.93
CA GLY B 337 -14.12 4.07 2.80
C GLY B 337 -15.36 3.72 2.00
N VAL B 338 -16.50 4.29 2.39
CA VAL B 338 -17.78 4.05 1.75
C VAL B 338 -18.00 5.21 0.78
N THR B 339 -18.57 4.90 -0.39
CA THR B 339 -19.04 5.91 -1.32
C THR B 339 -20.05 6.86 -0.66
N ASP B 340 -20.12 8.08 -1.17
CA ASP B 340 -21.04 9.05 -0.61
C ASP B 340 -22.49 8.82 -1.04
N ASP B 341 -22.76 7.89 -1.96
CA ASP B 341 -24.12 7.40 -2.13
C ASP B 341 -24.32 6.05 -1.42
N GLY B 342 -23.32 5.60 -0.66
CA GLY B 342 -23.43 4.36 0.10
C GLY B 342 -23.30 3.10 -0.72
N MET B 343 -22.89 3.21 -1.99
CA MET B 343 -22.96 2.07 -2.92
C MET B 343 -21.93 1.01 -2.59
N ALA B 344 -20.67 1.40 -2.40
CA ALA B 344 -19.57 0.45 -2.32
C ALA B 344 -18.67 0.74 -1.14
N VAL B 345 -17.82 -0.23 -0.83
CA VAL B 345 -16.77 -0.07 0.17
C VAL B 345 -15.44 -0.40 -0.47
N ALA B 346 -14.54 0.56 -0.51
CA ALA B 346 -13.20 0.29 -1.01
C ALA B 346 -12.26 0.17 0.18
N THR B 347 -11.68 -1.01 0.35
CA THR B 347 -10.72 -1.32 1.41
C THR B 347 -9.36 -1.48 0.73
N GLY B 348 -8.52 -0.47 0.84
CA GLY B 348 -7.14 -0.59 0.42
C GLY B 348 -6.28 -1.08 1.57
N SER B 349 -5.28 -1.88 1.23
CA SER B 349 -4.58 -2.65 2.25
C SER B 349 -3.08 -2.59 2.00
N TRP B 350 -2.35 -3.27 2.87
CA TRP B 350 -0.90 -3.35 2.76
C TRP B 350 -0.44 -4.40 1.78
N ASP B 351 -1.37 -5.07 1.08
CA ASP B 351 -1.01 -6.00 0.01
C ASP B 351 -0.87 -5.30 -1.33
N SER B 352 -0.89 -3.96 -1.33
CA SER B 352 -0.87 -3.04 -2.49
C SER B 352 -2.14 -3.09 -3.33
N PHE B 353 -3.26 -3.57 -2.78
CA PHE B 353 -4.51 -3.65 -3.52
C PHE B 353 -5.65 -3.05 -2.72
N LEU B 354 -6.65 -2.53 -3.45
CA LEU B 354 -7.93 -2.16 -2.88
C LEU B 354 -8.96 -3.18 -3.37
N LYS B 355 -9.72 -3.76 -2.45
CA LYS B 355 -10.86 -4.58 -2.80
C LYS B 355 -12.12 -3.75 -2.61
N ILE B 356 -13.03 -3.82 -3.58
CA ILE B 356 -14.29 -3.09 -3.52
C ILE B 356 -15.39 -4.09 -3.18
N TRP B 357 -16.24 -3.72 -2.24
CA TRP B 357 -17.07 -4.64 -1.50
C TRP B 357 -18.53 -4.19 -1.56
N ASN B 358 -19.41 -5.16 -1.80
CA ASN B 358 -20.87 -4.98 -1.82
C ASN B 358 -21.57 -6.22 -1.28
N SER C 4 5.31 21.28 31.32
CA SER C 4 5.28 22.73 31.16
C SER C 4 4.01 23.33 31.76
N ILE C 5 4.13 24.52 32.34
CA ILE C 5 2.97 25.16 32.94
C ILE C 5 2.11 25.87 31.91
N ALA C 6 2.68 26.25 30.76
CA ALA C 6 1.88 26.88 29.71
C ALA C 6 0.95 25.88 29.05
N GLN C 7 1.42 24.63 28.87
CA GLN C 7 0.57 23.56 28.37
C GLN C 7 -0.55 23.25 29.37
N ALA C 8 -0.24 23.34 30.67
CA ALA C 8 -1.27 23.13 31.69
C ALA C 8 -2.32 24.24 31.66
N ARG C 9 -1.89 25.50 31.49
CA ARG C 9 -2.83 26.61 31.40
C ARG C 9 -3.71 26.50 30.16
N LYS C 10 -3.12 26.12 29.02
CA LYS C 10 -3.87 25.89 27.80
C LYS C 10 -4.86 24.75 27.95
N LEU C 11 -4.44 23.66 28.61
CA LEU C 11 -5.31 22.51 28.78
C LEU C 11 -6.47 22.82 29.73
N VAL C 12 -6.22 23.57 30.80
CA VAL C 12 -7.32 23.85 31.72
C VAL C 12 -8.25 24.93 31.13
N GLU C 13 -7.72 25.84 30.32
CA GLU C 13 -8.59 26.83 29.66
C GLU C 13 -9.45 26.18 28.59
N GLN C 14 -8.91 25.21 27.86
CA GLN C 14 -9.73 24.43 26.94
C GLN C 14 -10.73 23.55 27.69
N LEU C 15 -10.32 23.02 28.84
CA LEU C 15 -11.12 22.03 29.55
C LEU C 15 -12.22 22.65 30.40
N LYS C 16 -12.13 23.97 30.69
CA LYS C 16 -13.15 24.64 31.50
C LYS C 16 -14.50 24.68 30.80
N MET C 17 -14.51 24.96 29.51
CA MET C 17 -15.74 25.00 28.73
C MET C 17 -16.20 23.60 28.31
N GLU C 18 -15.35 22.58 28.48
CA GLU C 18 -15.70 21.22 28.11
C GLU C 18 -16.85 20.69 28.95
N ALA C 19 -16.88 21.03 30.23
CA ALA C 19 -18.00 20.67 31.09
C ALA C 19 -19.19 21.61 30.93
N ASN C 20 -19.01 22.75 30.27
CA ASN C 20 -20.06 23.75 30.13
C ASN C 20 -20.97 23.49 28.93
N ILE C 21 -20.70 22.47 28.13
CA ILE C 21 -21.55 22.16 27.00
C ILE C 21 -22.83 21.49 27.47
N ASP C 22 -23.86 21.54 26.63
CA ASP C 22 -25.15 20.95 26.93
C ASP C 22 -25.18 19.54 26.38
N ARG C 23 -25.15 18.54 27.26
CA ARG C 23 -25.08 17.14 26.86
C ARG C 23 -26.45 16.50 27.01
N ILE C 24 -27.00 16.02 25.90
CA ILE C 24 -28.30 15.35 25.88
C ILE C 24 -28.09 13.90 26.27
N LYS C 25 -29.01 13.37 27.10
CA LYS C 25 -28.93 12.01 27.59
C LYS C 25 -29.07 11.01 26.45
N VAL C 26 -28.55 9.79 26.68
CA VAL C 26 -28.42 8.76 25.65
C VAL C 26 -29.79 8.30 25.16
N SER C 27 -30.79 8.28 26.04
CA SER C 27 -32.14 7.91 25.64
C SER C 27 -32.79 8.94 24.72
N LYS C 28 -32.25 10.17 24.65
CA LYS C 28 -32.73 11.19 23.73
C LYS C 28 -31.70 11.67 22.73
N ALA C 29 -30.42 11.34 22.91
CA ALA C 29 -29.39 11.70 21.94
C ALA C 29 -28.99 10.54 21.04
N ALA C 30 -28.93 9.32 21.57
CA ALA C 30 -28.69 8.14 20.75
C ALA C 30 -29.97 7.54 20.19
N ALA C 31 -31.14 8.09 20.56
CA ALA C 31 -32.38 7.76 19.88
C ALA C 31 -32.44 8.42 18.50
N ASP C 32 -31.69 9.50 18.31
CA ASP C 32 -31.51 10.09 16.99
C ASP C 32 -30.77 9.14 16.05
N LEU C 33 -29.98 8.20 16.58
CA LEU C 33 -29.35 7.21 15.72
C LEU C 33 -30.35 6.19 15.19
N MET C 34 -31.36 5.85 15.98
CA MET C 34 -32.40 4.98 15.49
C MET C 34 -33.21 5.79 14.47
N ALA C 35 -33.44 7.07 14.78
CA ALA C 35 -34.21 7.94 13.89
C ALA C 35 -33.52 8.09 12.54
N TYR C 36 -32.18 8.11 12.54
CA TYR C 36 -31.45 8.29 11.29
C TYR C 36 -31.27 6.97 10.54
N CYS C 37 -31.11 5.85 11.24
CA CYS C 37 -30.97 4.56 10.56
C CYS C 37 -32.29 4.09 9.97
N GLU C 38 -33.40 4.22 10.70
CA GLU C 38 -34.69 3.84 10.14
C GLU C 38 -35.17 4.81 9.07
N ALA C 39 -34.65 6.04 9.03
CA ALA C 39 -34.90 6.92 7.90
C ALA C 39 -33.97 6.63 6.72
N HIS C 40 -32.92 5.84 6.92
CA HIS C 40 -31.95 5.55 5.86
C HIS C 40 -31.67 4.05 5.71
N ALA C 41 -32.55 3.20 6.25
CA ALA C 41 -32.41 1.77 6.01
C ALA C 41 -32.76 1.42 4.56
N LYS C 42 -33.82 2.04 4.03
CA LYS C 42 -34.18 1.83 2.64
C LYS C 42 -33.20 2.53 1.70
N GLU C 43 -32.58 3.61 2.15
CA GLU C 43 -31.60 4.34 1.36
C GLU C 43 -30.18 3.82 1.57
N ASP C 44 -30.03 2.70 2.29
CA ASP C 44 -28.73 2.05 2.45
C ASP C 44 -28.55 1.00 1.36
N PRO C 45 -27.59 1.16 0.45
CA PRO C 45 -27.39 0.17 -0.62
C PRO C 45 -26.55 -1.04 -0.22
N LEU C 46 -26.30 -1.25 1.06
CA LEU C 46 -25.39 -2.30 1.49
C LEU C 46 -25.93 -3.18 2.62
N LEU C 47 -27.12 -2.90 3.14
CA LEU C 47 -27.74 -3.81 4.09
C LEU C 47 -28.33 -5.02 3.36
N THR C 48 -29.28 -4.77 2.47
CA THR C 48 -29.79 -5.82 1.60
C THR C 48 -28.78 -6.08 0.47
N PRO C 49 -28.74 -7.32 -0.04
CA PRO C 49 -27.94 -7.55 -1.26
C PRO C 49 -28.59 -6.93 -2.47
N VAL C 50 -28.04 -5.83 -2.94
CA VAL C 50 -28.64 -5.08 -4.05
C VAL C 50 -28.39 -5.82 -5.37
N PRO C 51 -29.43 -6.11 -6.14
CA PRO C 51 -29.24 -6.83 -7.40
C PRO C 51 -28.53 -5.97 -8.44
N ALA C 52 -28.02 -6.66 -9.47
CA ALA C 52 -27.11 -6.07 -10.45
C ALA C 52 -27.78 -5.09 -11.40
N SER C 53 -29.11 -4.98 -11.38
CA SER C 53 -29.80 -4.07 -12.31
C SER C 53 -29.50 -2.61 -11.98
N GLU C 54 -29.45 -2.27 -10.70
CA GLU C 54 -29.08 -0.93 -10.27
C GLU C 54 -27.80 -0.86 -9.46
N ASN C 55 -27.17 -1.99 -9.15
CA ASN C 55 -25.83 -1.98 -8.58
C ASN C 55 -24.82 -1.81 -9.70
N PRO C 56 -23.99 -0.75 -9.69
CA PRO C 56 -22.99 -0.57 -10.74
C PRO C 56 -21.74 -1.43 -10.57
N PHE C 57 -21.67 -2.24 -9.52
CA PHE C 57 -20.52 -3.12 -9.27
C PHE C 57 -20.98 -4.55 -9.50
N ARG C 58 -20.77 -5.02 -10.74
CA ARG C 58 -21.16 -6.34 -11.24
C ARG C 58 -22.65 -6.62 -11.05
N GLN D 1 -10.83 6.73 30.20
CA GLN D 1 -9.69 7.60 30.00
C GLN D 1 -8.46 7.07 30.71
N VAL D 2 -7.35 6.98 29.97
CA VAL D 2 -6.11 6.44 30.50
C VAL D 2 -5.52 7.39 31.52
N GLN D 3 -5.64 7.04 32.81
CA GLN D 3 -5.07 7.83 33.88
C GLN D 3 -4.17 6.94 34.72
N LEU D 4 -2.94 7.40 34.94
CA LEU D 4 -1.87 6.62 35.56
C LEU D 4 -1.36 7.40 36.77
N GLN D 5 -2.00 7.23 37.91
CA GLN D 5 -1.66 7.98 39.12
C GLN D 5 -0.54 7.25 39.84
N GLU D 6 0.66 7.81 39.81
CA GLU D 6 1.77 7.22 40.56
C GLU D 6 1.66 7.60 42.03
N SER D 7 2.06 6.67 42.89
CA SER D 7 2.16 6.92 44.32
C SER D 7 3.53 6.47 44.80
N GLY D 8 4.12 7.28 45.68
CA GLY D 8 5.48 7.09 46.13
C GLY D 8 6.31 8.34 45.92
N GLY D 9 7.63 8.20 46.00
CA GLY D 9 8.52 9.34 45.86
C GLY D 9 8.80 9.99 47.20
N GLY D 10 8.92 11.31 47.21
CA GLY D 10 9.23 12.03 48.42
C GLY D 10 10.71 12.01 48.74
N LEU D 11 11.04 12.53 49.93
CA LEU D 11 12.41 12.64 50.39
C LEU D 11 12.81 11.39 51.16
N VAL D 12 13.71 10.60 50.57
CA VAL D 12 14.28 9.42 51.21
C VAL D 12 15.79 9.48 51.07
N GLN D 13 16.46 8.68 51.89
CA GLN D 13 17.91 8.56 51.79
C GLN D 13 18.29 7.62 50.64
N PRO D 14 19.47 7.82 50.05
CA PRO D 14 19.97 6.87 49.04
C PRO D 14 20.20 5.49 49.65
N GLY D 15 19.55 4.49 49.06
CA GLY D 15 19.62 3.13 49.54
C GLY D 15 18.34 2.62 50.19
N GLY D 16 17.40 3.51 50.49
CA GLY D 16 16.17 3.12 51.17
C GLY D 16 15.21 2.35 50.28
N SER D 17 14.17 1.83 50.91
CA SER D 17 13.15 1.02 50.24
C SER D 17 11.93 1.88 49.96
N LEU D 18 11.46 1.88 48.71
CA LEU D 18 10.34 2.74 48.32
C LEU D 18 9.59 2.04 47.19
N ARG D 19 8.44 1.44 47.51
CA ARG D 19 7.57 0.93 46.47
C ARG D 19 6.96 2.08 45.68
N LEU D 20 6.92 1.91 44.36
CA LEU D 20 6.39 2.91 43.43
C LEU D 20 5.14 2.33 42.77
N SER D 21 3.98 2.67 43.32
CA SER D 21 2.77 2.13 42.74
C SER D 21 2.33 2.97 41.54
N CYS D 22 1.35 2.44 40.80
CA CYS D 22 0.80 3.13 39.65
C CYS D 22 -0.66 2.68 39.50
N ALA D 23 -1.58 3.49 40.01
CA ALA D 23 -3.01 3.22 39.86
C ALA D 23 -3.40 3.48 38.41
N ALA D 24 -3.79 2.42 37.71
CA ALA D 24 -4.14 2.48 36.30
C ALA D 24 -5.66 2.49 36.14
N SER D 25 -6.16 3.42 35.34
CA SER D 25 -7.58 3.50 35.08
C SER D 25 -7.79 3.81 33.60
N GLY D 26 -8.93 3.35 33.09
CA GLY D 26 -9.32 3.61 31.71
C GLY D 26 -8.85 2.58 30.70
N PHE D 27 -8.05 1.59 31.10
CA PHE D 27 -7.71 0.53 30.18
C PHE D 27 -7.69 -0.80 30.92
N THR D 28 -7.94 -1.87 30.17
CA THR D 28 -7.78 -3.22 30.69
C THR D 28 -6.30 -3.48 30.90
N PHE D 29 -5.88 -3.50 32.17
CA PHE D 29 -4.46 -3.50 32.52
C PHE D 29 -3.78 -4.82 32.16
N SER D 30 -4.54 -5.93 32.16
CA SER D 30 -3.94 -7.22 31.88
C SER D 30 -3.56 -7.37 30.41
N ASN D 31 -4.23 -6.65 29.51
CA ASN D 31 -4.00 -6.77 28.09
C ASN D 31 -2.82 -5.95 27.59
N TYR D 32 -2.23 -5.11 28.42
CA TYR D 32 -1.17 -4.21 28.00
C TYR D 32 0.18 -4.55 28.61
N LYS D 33 1.22 -4.42 27.78
CA LYS D 33 2.59 -4.30 28.25
C LYS D 33 2.72 -3.01 29.07
N MET D 34 3.66 -2.98 30.00
CA MET D 34 3.84 -1.83 30.86
C MET D 34 5.30 -1.45 30.97
N ASN D 35 5.57 -0.15 31.13
CA ASN D 35 6.91 0.38 31.28
C ASN D 35 6.99 1.28 32.50
N TRP D 36 8.22 1.52 32.92
CA TRP D 36 8.58 2.59 33.84
C TRP D 36 9.70 3.37 33.16
N VAL D 37 9.59 4.71 33.15
CA VAL D 37 10.55 5.58 32.47
C VAL D 37 10.79 6.79 33.38
N ARG D 38 12.06 7.14 33.62
CA ARG D 38 12.34 8.29 34.46
C ARG D 38 12.82 9.51 33.65
N GLN D 39 12.63 10.67 34.28
CA GLN D 39 13.13 11.98 33.84
C GLN D 39 13.99 12.58 34.93
N ALA D 40 15.30 12.57 34.72
CA ALA D 40 16.25 13.25 35.59
C ALA D 40 16.39 14.71 35.19
N PRO D 41 16.68 15.60 36.14
CA PRO D 41 16.96 16.99 35.77
C PRO D 41 18.26 17.11 34.98
N GLY D 42 18.22 17.95 33.94
CA GLY D 42 19.36 18.09 33.06
C GLY D 42 19.49 17.01 32.01
N LYS D 43 18.50 16.12 31.89
CA LYS D 43 18.54 15.03 30.93
C LYS D 43 17.17 14.95 30.24
N GLY D 44 17.04 13.97 29.34
CA GLY D 44 15.76 13.64 28.75
C GLY D 44 15.08 12.53 29.53
N LEU D 45 13.98 12.03 28.95
CA LEU D 45 13.33 10.85 29.51
C LEU D 45 14.25 9.65 29.36
N GLU D 46 14.34 8.84 30.41
CA GLU D 46 15.21 7.67 30.40
C GLU D 46 14.43 6.48 30.92
N TRP D 47 14.44 5.40 30.16
CA TRP D 47 13.68 4.19 30.46
C TRP D 47 14.23 3.45 31.66
N VAL D 48 13.33 2.93 32.50
CA VAL D 48 13.71 2.14 33.67
C VAL D 48 13.51 0.67 33.35
N SER D 49 12.26 0.29 33.06
CA SER D 49 11.96 -1.14 32.97
C SER D 49 10.76 -1.36 32.05
N ASP D 50 10.64 -2.60 31.57
CA ASP D 50 9.52 -3.03 30.73
C ASP D 50 9.12 -4.42 31.18
N ILE D 51 7.82 -4.63 31.39
CA ILE D 51 7.28 -5.95 31.66
C ILE D 51 6.10 -6.20 30.74
N SER D 52 5.87 -7.49 30.45
CA SER D 52 4.91 -7.89 29.43
C SER D 52 3.49 -7.84 30.02
N GLN D 53 2.53 -8.33 29.24
CA GLN D 53 1.15 -8.46 29.71
C GLN D 53 1.07 -9.47 30.85
N SER D 54 1.83 -10.55 30.76
CA SER D 54 2.05 -11.45 31.89
C SER D 54 3.35 -11.07 32.58
N GLY D 55 3.74 -11.88 33.56
CA GLY D 55 4.96 -11.66 34.31
C GLY D 55 6.20 -12.31 33.73
N ALA D 56 6.14 -12.81 32.50
CA ALA D 56 7.26 -13.57 31.95
C ALA D 56 8.38 -12.67 31.43
N SER D 57 8.08 -11.86 30.41
CA SER D 57 9.10 -11.05 29.74
C SER D 57 9.34 -9.79 30.56
N ILE D 58 10.51 -9.73 31.20
CA ILE D 58 10.87 -8.62 32.08
C ILE D 58 12.25 -8.12 31.67
N SER D 59 12.39 -6.81 31.47
CA SER D 59 13.65 -6.21 31.06
C SER D 59 13.90 -4.96 31.88
N TYR D 60 15.19 -4.67 32.13
CA TYR D 60 15.60 -3.57 32.96
C TYR D 60 16.64 -2.75 32.20
N THR D 61 16.81 -1.49 32.59
CA THR D 61 18.01 -0.78 32.19
C THR D 61 19.15 -1.16 33.13
N GLY D 62 20.36 -1.07 32.62
CA GLY D 62 21.50 -1.53 33.39
C GLY D 62 21.90 -0.62 34.54
N SER D 63 21.34 0.58 34.61
CA SER D 63 21.53 1.40 35.80
C SER D 63 20.83 0.80 37.00
N VAL D 64 19.70 0.12 36.79
CA VAL D 64 18.88 -0.40 37.88
C VAL D 64 18.70 -1.91 37.79
N LYS D 65 19.53 -2.59 36.98
CA LYS D 65 19.38 -4.01 36.70
C LYS D 65 19.52 -4.88 37.95
N GLY D 66 20.34 -4.44 38.92
CA GLY D 66 20.51 -5.22 40.13
C GLY D 66 19.75 -4.70 41.33
N ARG D 67 19.44 -3.41 41.36
CA ARG D 67 18.91 -2.78 42.56
C ARG D 67 17.40 -2.55 42.53
N PHE D 68 16.75 -2.77 41.39
CA PHE D 68 15.31 -2.56 41.29
C PHE D 68 14.61 -3.91 41.10
N THR D 69 13.37 -3.99 41.59
CA THR D 69 12.51 -5.12 41.26
C THR D 69 11.11 -4.60 40.97
N ILE D 70 10.41 -5.30 40.08
CA ILE D 70 9.14 -4.85 39.55
C ILE D 70 8.10 -5.96 39.74
N SER D 71 6.91 -5.57 40.20
CA SER D 71 5.78 -6.47 40.35
C SER D 71 4.60 -5.92 39.57
N ARG D 72 3.58 -6.77 39.41
CA ARG D 72 2.38 -6.39 38.67
C ARG D 72 1.23 -7.30 39.07
N ASP D 73 0.10 -6.71 39.42
CA ASP D 73 -1.13 -7.45 39.68
C ASP D 73 -2.16 -7.03 38.65
N ASN D 74 -2.60 -7.99 37.84
CA ASN D 74 -3.57 -7.68 36.78
C ASN D 74 -4.96 -7.45 37.35
N ALA D 75 -5.32 -8.15 38.43
CA ALA D 75 -6.64 -8.00 39.02
C ALA D 75 -6.78 -6.69 39.80
N LYS D 76 -5.68 -6.15 40.32
CA LYS D 76 -5.72 -4.92 41.09
C LYS D 76 -5.61 -3.67 40.23
N ASN D 77 -5.42 -3.84 38.91
CA ASN D 77 -5.33 -2.75 37.92
C ASN D 77 -4.22 -1.76 38.28
N THR D 78 -3.07 -2.28 38.73
CA THR D 78 -2.03 -1.45 39.31
C THR D 78 -0.66 -1.95 38.92
N LEU D 79 0.18 -1.05 38.44
CA LEU D 79 1.60 -1.34 38.20
C LEU D 79 2.41 -0.97 39.44
N TYR D 80 3.43 -1.77 39.72
CA TYR D 80 4.27 -1.58 40.90
C TYR D 80 5.74 -1.47 40.50
N LEU D 81 6.53 -0.89 41.40
CA LEU D 81 7.98 -0.85 41.23
C LEU D 81 8.60 -0.76 42.61
N GLN D 82 9.08 -1.89 43.14
CA GLN D 82 9.71 -1.93 44.45
C GLN D 82 11.20 -1.59 44.32
N MET D 83 11.60 -0.46 44.88
CA MET D 83 12.98 0.00 44.82
C MET D 83 13.72 -0.48 46.05
N ASN D 84 14.80 -1.24 45.84
CA ASN D 84 15.56 -1.77 46.98
C ASN D 84 16.63 -0.80 47.45
N SER D 85 17.54 -0.41 46.56
CA SER D 85 18.63 0.50 46.89
C SER D 85 18.73 1.57 45.82
N LEU D 86 18.88 2.81 46.24
CA LEU D 86 18.90 3.97 45.34
C LEU D 86 20.30 4.53 45.23
N LYS D 87 20.74 4.77 44.00
CA LYS D 87 21.97 5.50 43.74
C LYS D 87 21.69 7.00 43.73
N PRO D 88 22.74 7.84 43.84
CA PRO D 88 22.51 9.29 43.70
C PRO D 88 22.04 9.74 42.33
N GLU D 89 22.44 9.07 41.24
CA GLU D 89 22.21 9.66 39.91
C GLU D 89 20.78 9.51 39.42
N ASP D 90 19.99 8.60 39.97
CA ASP D 90 18.56 8.54 39.66
C ASP D 90 17.77 9.25 40.76
N THR D 91 17.88 10.57 40.73
CA THR D 91 17.11 11.48 41.58
C THR D 91 15.95 12.06 40.78
N ALA D 92 15.32 11.20 39.99
CA ALA D 92 14.26 11.66 39.09
C ALA D 92 12.82 11.32 39.44
N VAL D 93 11.95 11.63 38.49
CA VAL D 93 10.53 11.39 38.61
C VAL D 93 10.23 10.23 37.68
N TYR D 94 9.58 9.20 38.21
CA TYR D 94 9.29 8.05 37.38
C TYR D 94 7.92 8.14 36.75
N TYR D 95 7.94 8.21 35.43
CA TYR D 95 6.74 8.31 34.63
C TYR D 95 6.37 6.93 34.18
N CYS D 96 5.20 6.46 34.60
CA CYS D 96 4.78 5.13 34.15
C CYS D 96 4.46 5.23 32.67
N ALA D 97 5.42 4.95 31.82
CA ALA D 97 5.14 5.00 30.39
C ALA D 97 4.32 3.80 29.93
N ARG D 98 2.99 3.91 29.91
CA ARG D 98 2.14 2.81 29.43
C ARG D 98 2.45 2.60 27.96
N CYS D 99 2.44 1.35 27.54
CA CYS D 99 2.80 1.04 26.14
C CYS D 99 1.74 1.39 25.09
N PRO D 100 2.16 1.87 23.92
CA PRO D 100 1.15 2.31 22.95
C PRO D 100 0.13 1.28 22.48
N ALA D 101 0.54 0.05 22.20
CA ALA D 101 -0.40 -0.98 21.74
C ALA D 101 -0.34 -2.24 22.59
N PRO D 102 -1.47 -2.98 22.64
CA PRO D 102 -1.65 -4.22 23.39
C PRO D 102 -1.38 -5.45 22.53
N PHE D 103 -1.05 -6.54 23.23
CA PHE D 103 -0.71 -7.85 22.63
C PHE D 103 0.46 -7.75 21.65
N THR D 104 1.34 -6.77 21.85
CA THR D 104 2.51 -6.58 21.01
C THR D 104 3.74 -6.53 21.90
N ARG D 105 4.86 -7.03 21.39
CA ARG D 105 6.09 -7.08 22.18
C ARG D 105 7.05 -5.91 21.96
N ASP D 106 6.58 -4.85 21.33
CA ASP D 106 7.43 -3.69 21.07
C ASP D 106 6.90 -2.46 21.80
N CYS D 107 7.77 -1.78 22.53
CA CYS D 107 7.33 -0.60 23.25
C CYS D 107 7.89 0.74 22.80
N PHE D 108 7.47 1.19 21.63
CA PHE D 108 7.76 2.55 21.15
C PHE D 108 7.27 3.64 22.10
N ASP D 109 8.05 4.73 22.11
CA ASP D 109 7.67 6.08 22.48
C ASP D 109 7.54 6.31 23.98
N VAL D 110 7.89 5.33 24.81
CA VAL D 110 7.79 5.52 26.25
C VAL D 110 8.81 6.52 26.77
N THR D 111 9.86 6.81 26.00
CA THR D 111 10.89 7.78 26.37
C THR D 111 10.79 9.09 25.59
N SER D 112 9.65 9.36 24.97
CA SER D 112 9.46 10.60 24.25
C SER D 112 9.32 11.76 25.23
N THR D 113 9.70 12.97 24.78
CA THR D 113 9.58 14.15 25.64
C THR D 113 8.11 14.49 25.89
N THR D 114 7.27 14.37 24.88
CA THR D 114 5.83 14.54 25.02
C THR D 114 5.19 13.24 24.49
N TYR D 115 4.94 12.31 25.41
CA TYR D 115 4.26 11.06 25.09
C TYR D 115 2.97 10.99 25.87
N ALA D 116 1.97 10.34 25.27
CA ALA D 116 0.60 10.38 25.79
C ALA D 116 0.46 9.58 27.07
N TYR D 117 0.80 8.31 27.04
CA TYR D 117 0.34 7.38 28.09
C TYR D 117 1.36 7.26 29.21
N ARG D 118 1.78 8.39 29.74
CA ARG D 118 2.59 8.44 30.96
C ARG D 118 1.77 9.06 32.07
N GLY D 119 2.23 8.86 33.29
CA GLY D 119 1.57 9.44 34.44
C GLY D 119 1.91 10.90 34.61
N GLN D 120 1.40 11.47 35.70
CA GLN D 120 1.69 12.86 35.99
C GLN D 120 3.01 13.03 36.72
N GLY D 121 3.64 11.94 37.14
CA GLY D 121 4.99 11.97 37.68
C GLY D 121 5.06 12.13 39.19
N THR D 122 5.92 11.32 39.82
CA THR D 122 6.23 11.44 41.23
C THR D 122 7.74 11.52 41.38
N GLN D 123 8.22 12.60 42.00
CA GLN D 123 9.66 12.81 42.14
C GLN D 123 10.22 11.90 43.21
N VAL D 124 11.11 10.98 42.81
CA VAL D 124 11.82 10.13 43.75
C VAL D 124 13.15 10.82 44.02
N THR D 125 13.22 11.56 45.12
CA THR D 125 14.40 12.33 45.49
C THR D 125 15.22 11.55 46.50
N VAL D 126 16.52 11.44 46.25
CA VAL D 126 17.41 10.70 47.12
C VAL D 126 18.31 11.66 47.88
N GLN E 595 11.88 -57.35 -12.50
CA GLN E 595 12.62 -56.10 -12.33
C GLN E 595 11.95 -54.98 -13.10
N MET E 596 11.56 -55.30 -14.34
CA MET E 596 10.99 -54.30 -15.25
C MET E 596 9.62 -53.84 -14.75
N MET E 597 8.73 -54.78 -14.43
CA MET E 597 7.35 -54.46 -14.08
C MET E 597 7.22 -53.87 -12.69
N ALA E 598 8.09 -54.28 -11.78
CA ALA E 598 8.08 -53.77 -10.42
C ALA E 598 8.51 -52.30 -10.47
N LEU E 599 9.52 -52.02 -11.28
CA LEU E 599 10.04 -50.67 -11.42
C LEU E 599 8.98 -49.75 -12.02
N THR E 600 8.26 -50.22 -13.02
CA THR E 600 7.23 -49.39 -13.64
C THR E 600 6.07 -49.15 -12.68
N PHE E 601 5.96 -50.00 -11.68
CA PHE E 601 4.87 -49.87 -10.71
C PHE E 601 4.95 -48.56 -9.94
N ILE E 602 6.15 -48.18 -9.51
CA ILE E 602 6.32 -46.93 -8.76
C ILE E 602 5.98 -45.72 -9.60
N THR E 603 6.34 -45.76 -10.88
CA THR E 603 6.07 -44.67 -11.81
C THR E 603 4.58 -44.46 -11.96
N TYR E 604 3.81 -45.54 -11.98
CA TYR E 604 2.37 -45.37 -12.11
C TYR E 604 1.77 -44.91 -10.80
N ILE E 605 2.05 -45.66 -9.73
CA ILE E 605 1.53 -45.30 -8.41
C ILE E 605 2.08 -43.95 -7.96
N GLY E 606 3.36 -43.72 -8.23
CA GLY E 606 3.99 -42.47 -7.86
C GLY E 606 3.40 -41.30 -8.61
N CYS E 607 3.18 -41.49 -9.91
CA CYS E 607 2.61 -40.43 -10.74
C CYS E 607 1.12 -40.26 -10.50
N GLY E 608 0.42 -41.34 -10.15
CA GLY E 608 -0.97 -41.24 -9.75
C GLY E 608 -1.14 -40.40 -8.50
N LEU E 609 -0.34 -40.70 -7.47
CA LEU E 609 -0.38 -39.90 -6.25
C LEU E 609 0.08 -38.47 -6.51
N SER E 610 1.06 -38.29 -7.40
CA SER E 610 1.54 -36.96 -7.75
C SER E 610 0.48 -36.15 -8.49
N SER E 611 -0.25 -36.77 -9.41
CA SER E 611 -1.32 -36.10 -10.12
C SER E 611 -2.47 -35.75 -9.18
N ILE E 612 -2.81 -36.68 -8.26
CA ILE E 612 -3.89 -36.45 -7.31
C ILE E 612 -3.55 -35.30 -6.36
N PHE E 613 -2.32 -35.26 -5.86
CA PHE E 613 -1.91 -34.20 -4.95
C PHE E 613 -1.32 -32.98 -5.67
N LEU E 614 -1.29 -32.98 -6.99
CA LEU E 614 -0.84 -31.81 -7.76
C LEU E 614 -1.98 -31.07 -8.44
N SER E 615 -3.05 -31.77 -8.81
CA SER E 615 -4.25 -31.08 -9.28
C SER E 615 -4.85 -30.20 -8.18
N VAL E 616 -4.91 -30.73 -6.95
CA VAL E 616 -5.38 -29.94 -5.83
C VAL E 616 -4.40 -28.83 -5.49
N THR E 617 -3.10 -29.03 -5.77
CA THR E 617 -2.12 -27.96 -5.60
C THR E 617 -2.37 -26.82 -6.59
N LEU E 618 -2.67 -27.16 -7.85
CA LEU E 618 -2.96 -26.13 -8.84
C LEU E 618 -4.27 -25.41 -8.54
N VAL E 619 -5.27 -26.12 -8.01
CA VAL E 619 -6.51 -25.47 -7.60
C VAL E 619 -6.27 -24.54 -6.39
N THR E 620 -5.54 -25.02 -5.39
CA THR E 620 -5.32 -24.20 -4.19
C THR E 620 -4.32 -23.08 -4.44
N TYR E 621 -3.63 -23.07 -5.58
CA TYR E 621 -2.78 -21.94 -5.95
C TYR E 621 -3.45 -20.96 -6.90
N ILE E 622 -4.16 -21.43 -7.93
CA ILE E 622 -4.78 -20.52 -8.87
C ILE E 622 -6.01 -19.84 -8.26
N ALA E 623 -6.84 -20.60 -7.55
CA ALA E 623 -8.05 -20.02 -6.96
C ALA E 623 -7.71 -19.13 -5.76
N PHE E 624 -6.82 -19.60 -4.88
CA PHE E 624 -6.37 -18.77 -3.76
C PHE E 624 -5.29 -17.85 -4.26
N GLU E 625 -5.66 -16.59 -4.49
CA GLU E 625 -4.77 -15.60 -5.08
C GLU E 625 -3.66 -15.19 -4.11
N LYS E 626 -3.94 -15.26 -2.81
CA LYS E 626 -3.06 -14.71 -1.76
C LYS E 626 -1.72 -15.42 -1.70
N ILE E 627 -1.64 -16.66 -2.20
CA ILE E 627 -0.38 -17.38 -2.21
C ILE E 627 0.57 -16.80 -3.26
N ARG E 628 0.07 -16.41 -4.43
CA ARG E 628 0.96 -16.12 -5.55
C ARG E 628 1.34 -14.64 -5.64
N ARG E 629 1.47 -13.96 -4.49
CA ARG E 629 1.91 -12.58 -4.48
C ARG E 629 3.36 -12.45 -4.91
N ASP E 630 4.22 -13.30 -4.35
CA ASP E 630 5.63 -13.32 -4.70
C ASP E 630 5.90 -14.13 -5.97
N TYR E 631 6.99 -13.79 -6.64
CA TYR E 631 7.45 -14.53 -7.81
C TYR E 631 7.76 -16.02 -7.59
N PRO E 632 8.37 -16.48 -6.47
CA PRO E 632 8.55 -17.94 -6.29
C PRO E 632 7.27 -18.76 -6.31
N SER E 633 6.17 -18.25 -5.78
CA SER E 633 4.92 -19.00 -5.85
C SER E 633 4.39 -19.09 -7.27
N LYS E 634 4.49 -18.01 -8.06
CA LYS E 634 3.98 -18.03 -9.43
C LYS E 634 4.82 -18.91 -10.34
N ILE E 635 6.16 -18.83 -10.22
CA ILE E 635 7.02 -19.74 -10.95
C ILE E 635 6.82 -21.18 -10.49
N LEU E 636 6.43 -21.39 -9.23
CA LEU E 636 6.16 -22.74 -8.77
C LEU E 636 4.82 -23.24 -9.29
N ILE E 637 3.85 -22.34 -9.48
CA ILE E 637 2.58 -22.70 -10.11
C ILE E 637 2.80 -23.18 -11.54
N GLN E 638 3.59 -22.42 -12.31
CA GLN E 638 3.79 -22.84 -13.69
C GLN E 638 4.73 -24.03 -13.81
N LEU E 639 5.64 -24.22 -12.84
CA LEU E 639 6.40 -25.46 -12.77
C LEU E 639 5.50 -26.65 -12.42
N CYS E 640 4.54 -26.45 -11.52
CA CYS E 640 3.61 -27.52 -11.18
C CYS E 640 2.64 -27.82 -12.31
N ALA E 641 2.29 -26.81 -13.11
CA ALA E 641 1.51 -27.04 -14.32
C ALA E 641 2.30 -27.86 -15.32
N ALA E 642 3.60 -27.54 -15.46
CA ALA E 642 4.50 -28.34 -16.30
C ALA E 642 4.59 -29.77 -15.81
N LEU E 643 4.66 -29.97 -14.49
CA LEU E 643 4.75 -31.31 -13.93
C LEU E 643 3.44 -32.08 -14.05
N LEU E 644 2.31 -31.41 -13.87
CA LEU E 644 1.01 -32.07 -14.01
C LEU E 644 0.76 -32.48 -15.46
N LEU E 645 1.03 -31.60 -16.42
CA LEU E 645 0.89 -31.97 -17.81
C LEU E 645 2.07 -32.78 -18.32
N LEU E 646 3.10 -33.00 -17.50
CA LEU E 646 4.06 -34.05 -17.82
C LEU E 646 3.58 -35.41 -17.35
N ASN E 647 3.08 -35.50 -16.12
CA ASN E 647 2.63 -36.78 -15.56
C ASN E 647 1.39 -37.29 -16.26
N LEU E 648 0.39 -36.42 -16.48
CA LEU E 648 -0.88 -36.85 -17.06
C LEU E 648 -0.69 -37.26 -18.53
N ILE E 649 0.11 -36.51 -19.28
CA ILE E 649 0.38 -36.87 -20.66
C ILE E 649 1.31 -38.09 -20.73
N PHE E 650 2.22 -38.17 -19.77
CA PHE E 650 3.19 -39.25 -19.67
C PHE E 650 2.43 -40.54 -19.45
N LEU E 651 1.49 -40.50 -18.52
CA LEU E 651 0.63 -41.66 -18.24
C LEU E 651 -0.22 -41.94 -19.48
N LEU E 652 -0.72 -40.88 -20.11
CA LEU E 652 -1.51 -40.99 -21.31
C LEU E 652 -0.66 -41.61 -22.43
N ASP E 653 0.59 -41.21 -22.53
CA ASP E 653 1.50 -41.73 -23.54
C ASP E 653 1.69 -43.23 -23.33
N SER E 654 1.25 -43.71 -22.18
CA SER E 654 1.32 -45.14 -21.85
C SER E 654 -0.02 -45.83 -22.02
N TRP E 655 -1.12 -45.09 -21.90
CA TRP E 655 -2.44 -45.63 -22.18
C TRP E 655 -2.61 -45.92 -23.66
N ILE E 656 -2.11 -45.01 -24.53
CA ILE E 656 -2.15 -45.25 -25.96
C ILE E 656 -0.92 -46.00 -26.46
N ALA E 657 -0.02 -46.41 -25.55
CA ALA E 657 1.06 -47.30 -25.95
C ALA E 657 0.54 -48.68 -26.30
N LEU E 658 -0.48 -49.16 -25.56
CA LEU E 658 -1.07 -50.45 -25.88
C LEU E 658 -1.89 -50.39 -27.15
N TYR E 659 -2.59 -49.28 -27.39
CA TYR E 659 -3.37 -49.07 -28.60
C TYR E 659 -2.76 -47.88 -29.34
N ASN E 660 -1.72 -48.15 -30.12
CA ASN E 660 -1.00 -47.10 -30.82
C ASN E 660 -1.45 -46.79 -32.24
N THR E 661 -1.68 -45.50 -32.47
CA THR E 661 -2.07 -44.98 -33.78
C THR E 661 -0.98 -43.99 -34.13
N ARG E 662 -0.45 -44.05 -35.34
CA ARG E 662 0.68 -43.21 -35.71
C ARG E 662 0.41 -41.72 -35.57
N GLY E 663 -0.79 -41.28 -35.91
CA GLY E 663 -1.15 -39.88 -35.75
C GLY E 663 -1.11 -39.45 -34.30
N PHE E 664 -1.58 -40.33 -33.41
CA PHE E 664 -1.61 -40.06 -31.98
C PHE E 664 -0.26 -40.22 -31.29
N CYS E 665 0.52 -41.21 -31.69
CA CYS E 665 1.82 -41.39 -31.05
C CYS E 665 2.70 -40.16 -31.17
N ILE E 666 2.78 -39.60 -32.36
CA ILE E 666 3.66 -38.46 -32.56
C ILE E 666 3.26 -37.29 -31.70
N ALA E 667 1.97 -37.02 -31.59
CA ALA E 667 1.55 -35.95 -30.73
C ALA E 667 1.88 -36.25 -29.26
N VAL E 668 1.55 -37.45 -28.80
CA VAL E 668 1.81 -37.77 -27.39
C VAL E 668 3.30 -37.77 -27.09
N ALA E 669 4.09 -38.31 -28.01
CA ALA E 669 5.53 -38.33 -27.83
C ALA E 669 6.06 -36.90 -27.81
N VAL E 670 5.53 -36.06 -28.69
CA VAL E 670 5.95 -34.67 -28.74
C VAL E 670 5.40 -33.89 -27.56
N PHE E 671 4.20 -34.21 -27.08
CA PHE E 671 3.70 -33.45 -25.94
C PHE E 671 4.41 -33.93 -24.67
N LEU E 672 4.91 -35.15 -24.70
CA LEU E 672 5.65 -35.68 -23.56
C LEU E 672 7.05 -35.10 -23.63
N HIS E 673 7.52 -34.83 -24.85
CA HIS E 673 8.83 -34.25 -25.01
C HIS E 673 8.67 -32.77 -24.71
N TYR E 674 7.65 -32.13 -25.28
CA TYR E 674 7.45 -30.72 -24.96
C TYR E 674 7.26 -30.51 -23.47
N PHE E 675 6.48 -31.37 -22.81
CA PHE E 675 6.24 -31.14 -21.39
C PHE E 675 7.42 -31.56 -20.53
N LEU E 676 8.21 -32.53 -20.97
CA LEU E 676 9.48 -32.81 -20.30
C LEU E 676 10.43 -31.64 -20.41
N LEU E 677 10.53 -31.03 -21.60
CA LEU E 677 11.38 -29.86 -21.70
C LEU E 677 10.79 -28.59 -21.10
N VAL E 678 9.46 -28.47 -20.94
CA VAL E 678 9.00 -27.31 -20.18
C VAL E 678 9.21 -27.55 -18.69
N SER E 679 9.18 -28.80 -18.23
CA SER E 679 9.56 -29.07 -16.84
C SER E 679 11.03 -28.76 -16.61
N PHE E 680 11.89 -29.19 -17.55
CA PHE E 680 13.32 -28.90 -17.46
C PHE E 680 13.60 -27.42 -17.57
N THR E 681 12.91 -26.72 -18.48
CA THR E 681 13.14 -25.29 -18.66
C THR E 681 12.53 -24.47 -17.53
N TRP E 682 11.47 -24.95 -16.90
CA TRP E 682 11.00 -24.26 -15.70
C TRP E 682 11.87 -24.53 -14.49
N MET E 683 12.56 -25.67 -14.43
CA MET E 683 13.56 -25.83 -13.37
C MET E 683 14.83 -25.05 -13.67
N GLY E 684 15.18 -24.89 -14.96
CA GLY E 684 16.28 -24.03 -15.33
C GLY E 684 15.98 -22.56 -15.08
N LEU E 685 14.77 -22.12 -15.38
CA LEU E 685 14.34 -20.77 -15.05
C LEU E 685 14.05 -20.62 -13.56
N GLU E 686 13.81 -21.73 -12.86
CA GLU E 686 13.74 -21.69 -11.41
C GLU E 686 15.09 -21.37 -10.82
N ALA E 687 16.14 -22.04 -11.32
CA ALA E 687 17.50 -21.71 -10.92
C ALA E 687 17.92 -20.34 -11.44
N PHE E 688 17.34 -19.87 -12.55
CA PHE E 688 17.65 -18.52 -13.02
C PHE E 688 16.92 -17.46 -12.19
N HIS E 689 15.73 -17.78 -11.67
CA HIS E 689 15.10 -16.94 -10.66
C HIS E 689 15.93 -16.91 -9.39
N MET E 690 16.54 -18.04 -9.02
CA MET E 690 17.45 -18.05 -7.90
C MET E 690 18.77 -17.36 -8.22
N TYR E 691 19.12 -17.23 -9.49
CA TYR E 691 20.23 -16.37 -9.90
C TYR E 691 19.89 -14.91 -9.71
N LEU E 692 18.70 -14.49 -10.17
CA LEU E 692 18.26 -13.12 -10.03
C LEU E 692 17.83 -12.77 -8.62
N ALA E 693 17.67 -13.77 -7.74
CA ALA E 693 17.31 -13.54 -6.36
C ALA E 693 18.45 -13.79 -5.37
N LEU E 694 19.46 -14.57 -5.76
CA LEU E 694 20.48 -15.02 -4.82
C LEU E 694 21.90 -14.93 -5.35
N VAL E 695 22.14 -14.62 -6.63
CA VAL E 695 23.50 -14.42 -7.11
C VAL E 695 23.60 -13.02 -7.73
N LYS E 696 22.80 -12.77 -8.77
CA LYS E 696 22.60 -11.41 -9.26
C LYS E 696 21.44 -10.81 -8.46
N VAL E 697 21.80 -10.44 -7.23
CA VAL E 697 20.82 -10.35 -6.15
C VAL E 697 19.92 -9.14 -6.32
N PHE E 698 20.51 -8.00 -6.67
CA PHE E 698 19.79 -6.77 -6.89
C PHE E 698 19.35 -6.65 -8.34
N ASN E 699 18.53 -5.61 -8.61
CA ASN E 699 17.93 -5.33 -9.91
C ASN E 699 17.15 -6.52 -10.44
N THR E 700 16.38 -7.15 -9.54
CA THR E 700 15.70 -8.39 -9.85
C THR E 700 14.40 -8.19 -10.62
N TYR E 701 13.95 -6.96 -10.81
CA TYR E 701 12.69 -6.73 -11.48
C TYR E 701 12.88 -6.75 -12.99
N ILE E 702 12.07 -7.55 -13.67
CA ILE E 702 11.88 -7.49 -15.11
C ILE E 702 10.38 -7.30 -15.34
N ARG E 703 10.02 -6.35 -16.22
CA ARG E 703 8.62 -6.03 -16.51
C ARG E 703 7.87 -7.24 -17.04
N LYS E 704 6.80 -7.60 -16.32
CA LYS E 704 6.03 -8.84 -16.50
C LYS E 704 6.96 -10.05 -16.48
N TYR E 705 7.53 -10.24 -15.28
CA TYR E 705 8.57 -11.26 -15.05
C TYR E 705 8.05 -12.66 -15.31
N ILE E 706 6.85 -12.97 -14.84
CA ILE E 706 6.29 -14.31 -14.97
C ILE E 706 5.93 -14.60 -16.42
N LEU E 707 5.43 -13.60 -17.17
CA LEU E 707 5.10 -13.86 -18.57
C LEU E 707 6.33 -13.90 -19.46
N LYS E 708 7.37 -13.11 -19.17
CA LYS E 708 8.62 -13.29 -19.91
C LYS E 708 9.38 -14.52 -19.49
N PHE E 709 9.04 -15.12 -18.35
CA PHE E 709 9.48 -16.48 -18.07
C PHE E 709 8.56 -17.52 -18.68
N CYS E 710 7.32 -17.16 -18.99
CA CYS E 710 6.41 -18.08 -19.67
C CYS E 710 6.79 -18.23 -21.14
N ILE E 711 7.26 -17.15 -21.76
CA ILE E 711 7.72 -17.22 -23.15
C ILE E 711 9.08 -17.89 -23.30
N VAL E 712 9.75 -18.23 -22.19
CA VAL E 712 11.00 -18.96 -22.22
C VAL E 712 10.83 -20.38 -21.69
N GLY E 713 10.10 -20.54 -20.59
CA GLY E 713 9.88 -21.85 -20.02
C GLY E 713 8.97 -22.72 -20.86
N TRP E 714 8.04 -22.12 -21.60
CA TRP E 714 7.26 -22.83 -22.58
C TRP E 714 7.66 -22.52 -24.03
N GLY E 715 8.09 -21.29 -24.30
CA GLY E 715 8.36 -20.89 -25.68
C GLY E 715 9.61 -21.54 -26.27
N ILE E 716 10.69 -21.56 -25.50
CA ILE E 716 11.94 -22.19 -25.94
C ILE E 716 11.79 -23.71 -26.09
N PRO E 717 11.12 -24.46 -25.19
CA PRO E 717 10.79 -25.85 -25.54
C PRO E 717 9.89 -25.98 -26.75
N ALA E 718 8.96 -25.06 -26.97
CA ALA E 718 8.10 -25.12 -28.14
C ALA E 718 8.90 -24.95 -29.43
N VAL E 719 9.86 -24.03 -29.45
CA VAL E 719 10.63 -23.83 -30.68
C VAL E 719 11.66 -24.93 -30.86
N VAL E 720 12.18 -25.54 -29.78
CA VAL E 720 13.12 -26.63 -30.02
C VAL E 720 12.40 -27.91 -30.42
N VAL E 721 11.18 -28.15 -29.91
CA VAL E 721 10.36 -29.24 -30.43
C VAL E 721 9.94 -28.98 -31.88
N SER E 722 9.68 -27.71 -32.22
CA SER E 722 9.35 -27.35 -33.60
C SER E 722 10.51 -27.58 -34.54
N ILE E 723 11.76 -27.30 -34.11
CA ILE E 723 12.88 -27.58 -35.00
C ILE E 723 13.30 -29.03 -34.97
N VAL E 724 12.85 -29.81 -33.98
CA VAL E 724 12.87 -31.27 -34.14
C VAL E 724 11.90 -31.69 -35.25
N LEU E 725 10.69 -31.11 -35.25
CA LEU E 725 9.67 -31.54 -36.20
C LEU E 725 9.95 -31.08 -37.63
N THR E 726 10.60 -29.93 -37.82
CA THR E 726 10.81 -29.44 -39.17
C THR E 726 11.94 -30.15 -39.90
N ILE E 727 12.73 -30.97 -39.21
CA ILE E 727 13.82 -31.70 -39.85
C ILE E 727 13.45 -33.17 -40.01
N SER E 728 12.63 -33.70 -39.09
CA SER E 728 12.14 -35.08 -39.13
C SER E 728 10.92 -35.24 -38.24
N PRO E 729 9.79 -35.68 -38.80
CA PRO E 729 8.59 -35.89 -37.99
C PRO E 729 8.59 -37.29 -37.39
N ASP E 730 9.44 -38.16 -37.92
CA ASP E 730 9.54 -39.54 -37.44
C ASP E 730 10.34 -39.65 -36.15
N ASN E 731 10.66 -38.51 -35.55
CA ASN E 731 11.44 -38.50 -34.33
C ASN E 731 10.66 -39.03 -33.13
N TYR E 732 9.36 -39.20 -33.29
CA TYR E 732 8.50 -39.70 -32.22
C TYR E 732 7.73 -40.92 -32.68
N GLY E 733 7.71 -41.97 -31.87
CA GLY E 733 7.00 -43.19 -32.23
C GLY E 733 7.38 -44.35 -31.35
N ILE E 734 7.79 -45.46 -31.95
CA ILE E 734 8.20 -46.63 -31.18
C ILE E 734 9.60 -47.03 -31.59
N ASP E 747 7.16 -50.06 -27.02
CA ASP E 747 6.47 -50.34 -25.78
C ASP E 747 5.91 -49.05 -25.18
N PHE E 748 6.53 -47.92 -25.50
CA PHE E 748 6.15 -46.62 -24.97
C PHE E 748 6.61 -45.59 -25.99
N CYS E 749 5.88 -44.50 -26.14
CA CYS E 749 6.28 -43.52 -27.15
C CYS E 749 7.21 -42.43 -26.64
N TRP E 750 8.48 -42.56 -26.97
CA TRP E 750 9.47 -41.57 -26.57
C TRP E 750 10.25 -41.15 -27.82
N ILE E 751 11.32 -40.36 -27.66
CA ILE E 751 12.10 -40.00 -28.82
C ILE E 751 12.71 -41.31 -29.30
N ASN E 752 12.60 -41.57 -30.60
CA ASN E 752 13.16 -42.80 -31.12
C ASN E 752 14.35 -42.44 -31.97
N SER E 753 14.97 -41.30 -31.64
CA SER E 753 16.12 -40.82 -32.38
C SER E 753 17.13 -40.60 -31.29
N ASN E 754 18.12 -41.49 -31.20
CA ASN E 754 19.12 -41.36 -30.16
C ASN E 754 19.84 -40.02 -30.22
N VAL E 755 20.19 -39.57 -31.42
CA VAL E 755 20.89 -38.29 -31.54
C VAL E 755 20.04 -37.13 -31.05
N VAL E 756 18.76 -37.12 -31.43
CA VAL E 756 17.84 -36.07 -31.01
C VAL E 756 17.62 -36.09 -29.51
N PHE E 757 17.54 -37.30 -28.98
CA PHE E 757 17.32 -37.51 -27.57
C PHE E 757 18.49 -36.91 -26.80
N TYR E 758 19.73 -37.14 -27.26
CA TYR E 758 20.85 -36.56 -26.54
C TYR E 758 20.92 -35.04 -26.65
N ILE E 759 20.74 -34.54 -27.86
CA ILE E 759 20.78 -33.10 -28.12
C ILE E 759 19.66 -32.28 -27.50
N THR E 760 18.45 -32.82 -27.51
CA THR E 760 17.28 -32.11 -27.01
C THR E 760 16.83 -32.51 -25.62
N VAL E 761 16.76 -33.80 -25.34
CA VAL E 761 16.38 -34.21 -24.00
C VAL E 761 17.57 -34.08 -23.07
N VAL E 762 18.56 -34.95 -23.25
CA VAL E 762 19.73 -34.97 -22.38
C VAL E 762 20.73 -33.82 -22.30
N GLY E 763 21.25 -33.37 -23.44
CA GLY E 763 22.20 -32.28 -23.48
C GLY E 763 21.46 -31.10 -22.92
N TYR E 764 20.24 -30.92 -23.39
CA TYR E 764 19.41 -29.84 -22.91
C TYR E 764 19.12 -30.04 -21.43
N PHE E 765 18.85 -31.27 -21.02
CA PHE E 765 18.61 -31.55 -19.60
C PHE E 765 19.86 -31.31 -18.79
N CYS E 766 21.01 -31.68 -19.36
CA CYS E 766 22.30 -31.49 -18.72
C CYS E 766 22.55 -30.00 -18.53
N VAL E 767 22.19 -29.18 -19.51
CA VAL E 767 22.31 -27.74 -19.36
C VAL E 767 21.40 -27.29 -18.22
N ILE E 768 20.18 -27.84 -18.17
CA ILE E 768 19.27 -27.52 -17.08
C ILE E 768 19.85 -28.12 -15.82
N PHE E 769 20.70 -29.15 -15.95
CA PHE E 769 21.32 -29.68 -14.74
C PHE E 769 22.60 -28.94 -14.38
N LEU E 770 23.35 -28.47 -15.36
CA LEU E 770 24.57 -27.73 -15.08
C LEU E 770 24.30 -26.26 -14.78
N LEU E 771 23.05 -25.80 -14.86
CA LEU E 771 22.65 -24.57 -14.18
C LEU E 771 21.79 -24.84 -12.95
N ASN E 772 21.39 -26.08 -12.70
CA ASN E 772 20.60 -26.42 -11.52
C ASN E 772 21.46 -26.85 -10.34
N VAL E 773 22.49 -27.68 -10.56
CA VAL E 773 23.45 -27.95 -9.49
C VAL E 773 24.56 -26.92 -9.43
N SER E 774 24.58 -25.98 -10.38
CA SER E 774 25.36 -24.77 -10.20
C SER E 774 24.64 -23.73 -9.35
N MET E 775 23.43 -24.04 -8.89
CA MET E 775 22.64 -23.08 -8.13
C MET E 775 22.11 -23.75 -6.86
N PHE E 776 21.97 -25.08 -6.90
CA PHE E 776 21.65 -25.84 -5.71
C PHE E 776 22.79 -25.75 -4.71
N ILE E 777 24.03 -25.87 -5.18
CA ILE E 777 25.18 -25.66 -4.31
C ILE E 777 25.27 -24.21 -3.86
N VAL E 778 24.74 -23.27 -4.66
CA VAL E 778 24.71 -21.87 -4.23
C VAL E 778 23.73 -21.67 -3.07
N VAL E 779 22.55 -22.27 -3.15
CA VAL E 779 21.60 -22.16 -2.04
C VAL E 779 22.11 -22.90 -0.81
N LEU E 780 22.75 -24.05 -0.99
CA LEU E 780 23.33 -24.76 0.15
C LEU E 780 24.49 -23.99 0.79
N VAL E 781 25.36 -23.35 0.00
CA VAL E 781 26.40 -22.56 0.64
C VAL E 781 25.85 -21.24 1.20
N GLN E 782 24.71 -20.74 0.70
CA GLN E 782 24.11 -19.56 1.30
C GLN E 782 23.47 -19.87 2.64
N LEU E 783 22.77 -21.00 2.76
CA LEU E 783 22.32 -21.43 4.09
C LEU E 783 23.48 -21.86 4.97
N CYS E 784 24.58 -22.37 4.41
CA CYS E 784 25.77 -22.64 5.20
C CYS E 784 26.38 -21.35 5.74
N ARG E 785 26.38 -20.29 4.93
CA ARG E 785 26.82 -18.98 5.37
C ARG E 785 25.88 -18.40 6.43
N ILE E 786 24.58 -18.67 6.28
CA ILE E 786 23.59 -18.16 7.22
C ILE E 786 23.73 -18.84 8.58
N LYS E 787 23.87 -20.17 8.60
CA LYS E 787 24.05 -20.87 9.87
C LYS E 787 25.46 -20.70 10.44
N LYS E 788 26.44 -20.37 9.60
CA LYS E 788 27.77 -20.11 10.14
C LYS E 788 27.92 -18.68 10.65
N LYS E 789 27.01 -17.77 10.29
CA LYS E 789 26.90 -16.48 10.96
C LYS E 789 26.04 -16.67 12.19
N LYS E 790 26.68 -17.19 13.25
CA LYS E 790 26.00 -17.46 14.51
C LYS E 790 26.00 -16.19 15.34
N GLN E 791 24.81 -15.68 15.65
CA GLN E 791 24.66 -14.53 16.53
C GLN E 791 24.38 -15.04 17.94
N LEU E 792 25.16 -14.53 18.90
CA LEU E 792 25.18 -14.99 20.30
C LEU E 792 25.43 -16.50 20.39
N GLY E 793 26.37 -16.98 19.59
CA GLY E 793 26.70 -18.39 19.56
C GLY E 793 25.75 -19.19 18.70
N ASP E 802 16.66 -26.55 8.78
CA ASP E 802 15.44 -27.27 8.42
C ASP E 802 15.71 -28.26 7.30
N LEU E 803 15.57 -29.55 7.62
CA LEU E 803 15.83 -30.60 6.63
C LEU E 803 14.76 -30.65 5.55
N ARG E 804 13.54 -30.23 5.89
CA ARG E 804 12.43 -30.24 4.93
C ARG E 804 12.66 -29.26 3.79
N SER E 805 13.29 -28.11 4.08
CA SER E 805 13.49 -27.08 3.09
C SER E 805 14.48 -27.52 2.01
N ILE E 806 15.64 -28.04 2.42
CA ILE E 806 16.62 -28.55 1.46
C ILE E 806 16.11 -29.83 0.79
N ALA E 807 15.39 -30.65 1.55
CA ALA E 807 14.83 -31.88 1.01
C ALA E 807 13.72 -31.63 -0.01
N GLY E 808 13.10 -30.45 0.00
CA GLY E 808 12.16 -30.11 -1.04
C GLY E 808 12.83 -29.34 -2.16
N LEU E 809 13.93 -28.66 -1.83
CA LEU E 809 14.69 -27.94 -2.83
C LEU E 809 15.39 -28.89 -3.79
N THR E 810 15.79 -30.07 -3.30
CA THR E 810 16.44 -31.04 -4.18
C THR E 810 15.49 -31.68 -5.18
N PHE E 811 14.17 -31.59 -4.95
CA PHE E 811 13.18 -32.03 -5.93
C PHE E 811 12.65 -30.90 -6.79
N LEU E 812 12.56 -29.68 -6.23
CA LEU E 812 12.00 -28.57 -6.99
C LEU E 812 12.96 -28.06 -8.07
N LEU E 813 14.27 -28.14 -7.83
CA LEU E 813 15.23 -27.78 -8.85
C LEU E 813 15.62 -28.95 -9.75
N GLY E 814 15.06 -30.14 -9.49
CA GLY E 814 15.40 -31.32 -10.28
C GLY E 814 16.82 -31.79 -10.10
N ILE E 815 17.28 -31.82 -8.85
CA ILE E 815 18.62 -32.33 -8.57
C ILE E 815 18.61 -33.85 -8.60
N THR E 816 17.49 -34.46 -8.21
CA THR E 816 17.31 -35.90 -8.35
C THR E 816 16.96 -36.32 -9.77
N TRP E 817 16.59 -35.37 -10.63
CA TRP E 817 16.48 -35.65 -12.06
C TRP E 817 17.84 -35.98 -12.68
N GLY E 818 18.93 -35.62 -12.02
CA GLY E 818 20.26 -36.07 -12.35
C GLY E 818 20.67 -37.38 -11.72
N PHE E 819 19.73 -38.14 -11.13
CA PHE E 819 20.05 -39.49 -10.70
C PHE E 819 20.29 -40.45 -11.87
N ALA E 820 19.88 -40.08 -13.08
CA ALA E 820 20.19 -40.88 -14.26
C ALA E 820 21.67 -40.85 -14.61
N PHE E 821 22.40 -39.81 -14.19
CA PHE E 821 23.84 -39.76 -14.43
C PHE E 821 24.57 -40.84 -13.63
N PHE E 822 24.13 -41.10 -12.40
CA PHE E 822 24.72 -42.18 -11.62
C PHE E 822 24.21 -43.55 -12.04
N ALA E 823 23.16 -43.55 -12.85
CA ALA E 823 22.56 -44.77 -13.35
C ALA E 823 23.02 -45.01 -14.78
N TRP E 824 24.18 -44.44 -15.11
CA TRP E 824 24.76 -44.60 -16.44
C TRP E 824 25.96 -45.53 -16.38
N ASN E 828 24.14 -48.15 -13.50
CA ASN E 828 23.86 -48.89 -12.27
C ASN E 828 22.35 -49.12 -12.20
N VAL E 829 21.95 -50.21 -11.55
CA VAL E 829 20.55 -50.60 -11.57
C VAL E 829 19.74 -49.96 -10.44
N THR E 830 20.38 -49.62 -9.30
CA THR E 830 19.63 -49.03 -8.21
C THR E 830 19.30 -47.57 -8.44
N PHE E 831 20.13 -46.85 -9.22
CA PHE E 831 19.81 -45.46 -9.53
C PHE E 831 18.69 -45.34 -10.55
N MET E 832 18.41 -46.39 -11.32
CA MET E 832 17.16 -46.44 -12.08
C MET E 832 15.96 -46.38 -11.16
N TYR E 833 15.99 -47.18 -10.08
CA TYR E 833 14.92 -47.15 -9.08
C TYR E 833 14.83 -45.81 -8.38
N LEU E 834 15.97 -45.23 -7.99
CA LEU E 834 15.96 -43.95 -7.27
C LEU E 834 15.47 -42.81 -8.15
N PHE E 835 16.00 -42.73 -9.37
CA PHE E 835 15.55 -41.80 -10.42
C PHE E 835 14.05 -41.89 -10.62
N ALA E 836 13.56 -43.08 -10.96
CA ALA E 836 12.14 -43.24 -11.24
C ALA E 836 11.25 -42.97 -10.03
N ILE E 837 11.66 -43.48 -8.88
CA ILE E 837 10.89 -43.32 -7.66
C ILE E 837 10.74 -41.88 -7.21
N PHE E 838 11.81 -41.10 -7.38
CA PHE E 838 11.80 -39.72 -6.93
C PHE E 838 11.14 -38.80 -7.96
N ASN E 839 11.42 -39.01 -9.25
CA ASN E 839 10.76 -38.17 -10.25
C ASN E 839 9.30 -38.55 -10.51
N THR E 840 8.84 -39.73 -10.10
CA THR E 840 7.41 -39.99 -10.25
C THR E 840 6.63 -39.33 -9.13
N LEU E 841 7.29 -39.01 -8.03
CA LEU E 841 6.69 -38.38 -6.86
C LEU E 841 7.22 -36.98 -6.63
N GLN E 842 7.91 -36.41 -7.63
CA GLN E 842 8.41 -35.04 -7.51
C GLN E 842 7.29 -34.03 -7.28
N GLY E 843 6.18 -34.17 -8.00
CA GLY E 843 5.03 -33.30 -7.74
C GLY E 843 4.39 -33.56 -6.39
N PHE E 844 4.38 -34.82 -5.95
CA PHE E 844 3.87 -35.17 -4.62
C PHE E 844 4.73 -34.54 -3.54
N PHE E 845 6.04 -34.54 -3.73
CA PHE E 845 6.95 -33.96 -2.76
C PHE E 845 6.90 -32.43 -2.79
N ILE E 846 6.62 -31.83 -3.95
CA ILE E 846 6.34 -30.40 -3.99
C ILE E 846 5.04 -30.08 -3.26
N PHE E 847 4.06 -30.99 -3.31
CA PHE E 847 2.84 -30.79 -2.53
C PHE E 847 3.11 -30.89 -1.03
N ILE E 848 3.90 -31.87 -0.59
CA ILE E 848 4.11 -32.06 0.85
C ILE E 848 5.25 -31.23 1.44
N PHE E 849 6.08 -30.60 0.61
CA PHE E 849 7.17 -29.76 1.07
C PHE E 849 7.04 -28.30 0.66
N TYR E 850 6.10 -27.98 -0.23
CA TYR E 850 5.92 -26.63 -0.75
C TYR E 850 4.46 -26.22 -0.86
N CYS E 851 3.51 -27.12 -0.70
CA CYS E 851 2.10 -26.77 -0.57
C CYS E 851 1.55 -27.11 0.80
N ALA E 852 1.70 -28.36 1.25
CA ALA E 852 1.24 -28.74 2.57
C ALA E 852 2.17 -28.27 3.68
N ALA E 853 3.39 -27.86 3.34
CA ALA E 853 4.34 -27.42 4.36
C ALA E 853 4.25 -25.93 4.67
N LYS E 854 3.93 -25.10 3.68
CA LYS E 854 3.83 -23.66 3.92
C LYS E 854 2.56 -23.35 4.71
N GLU E 855 2.71 -22.53 5.75
CA GLU E 855 1.60 -22.25 6.66
C GLU E 855 0.53 -21.36 6.04
N ASN E 856 0.89 -20.53 5.05
CA ASN E 856 -0.10 -19.67 4.43
C ASN E 856 -1.08 -20.45 3.56
N VAL E 857 -0.62 -21.53 2.93
CA VAL E 857 -1.49 -22.35 2.11
C VAL E 857 -2.49 -23.10 2.98
N ARG E 858 -2.03 -23.63 4.13
CA ARG E 858 -2.92 -24.26 5.09
C ARG E 858 -3.85 -23.23 5.74
N LYS E 859 -3.40 -21.99 5.89
CA LYS E 859 -4.28 -20.93 6.40
C LYS E 859 -5.39 -20.62 5.40
N GLN E 860 -5.07 -20.61 4.10
CA GLN E 860 -6.09 -20.48 3.07
C GLN E 860 -6.97 -21.72 2.97
N TRP E 861 -6.46 -22.88 3.37
CA TRP E 861 -7.24 -24.11 3.38
C TRP E 861 -8.29 -24.12 4.49
N ARG E 862 -7.97 -23.55 5.65
CA ARG E 862 -8.89 -23.58 6.77
C ARG E 862 -9.28 -22.16 7.19
N VAL F 2 -2.80 26.62 -22.02
CA VAL F 2 -2.69 25.56 -23.00
C VAL F 2 -2.91 26.11 -24.42
N GLN F 3 -1.98 25.82 -25.33
CA GLN F 3 -2.06 26.35 -26.69
C GLN F 3 -1.73 25.25 -27.70
N LEU F 4 -2.52 25.17 -28.77
CA LEU F 4 -2.24 24.29 -29.89
C LEU F 4 -2.10 25.15 -31.14
N VAL F 5 -1.00 24.96 -31.88
CA VAL F 5 -0.84 25.63 -33.17
C VAL F 5 -0.27 24.62 -34.16
N GLU F 6 -0.85 24.59 -35.36
CA GLU F 6 -0.44 23.69 -36.42
C GLU F 6 -0.17 24.48 -37.69
N SER F 7 0.86 24.07 -38.43
CA SER F 7 1.31 24.76 -39.64
C SER F 7 1.12 23.94 -40.92
N GLY F 8 0.39 22.82 -40.87
CA GLY F 8 0.39 21.89 -42.00
C GLY F 8 -0.29 22.40 -43.25
N GLY F 9 -1.43 23.09 -43.09
CA GLY F 9 -2.26 23.44 -44.23
C GLY F 9 -1.67 24.54 -45.10
N GLY F 10 -1.85 24.40 -46.40
CA GLY F 10 -1.37 25.38 -47.34
C GLY F 10 -1.87 25.03 -48.72
N LEU F 11 -1.32 25.68 -49.74
CA LEU F 11 -1.72 25.36 -51.10
C LEU F 11 -1.29 23.92 -51.36
N VAL F 12 -2.17 23.16 -52.00
CA VAL F 12 -1.86 21.77 -52.29
C VAL F 12 -2.58 21.34 -53.55
N GLN F 13 -1.85 20.80 -54.50
CA GLN F 13 -2.51 20.33 -55.72
C GLN F 13 -3.43 19.14 -55.40
N PRO F 14 -4.63 19.08 -56.01
CA PRO F 14 -5.54 17.95 -55.79
C PRO F 14 -4.96 16.60 -56.23
N GLY F 15 -4.84 15.67 -55.29
CA GLY F 15 -4.33 14.35 -55.58
C GLY F 15 -2.89 14.15 -55.14
N ARG F 18 1.55 15.81 -47.61
CA ARG F 18 1.61 16.86 -46.59
C ARG F 18 1.38 16.33 -45.18
N LYS F 19 2.23 16.75 -44.25
CA LYS F 19 2.07 16.42 -42.85
C LYS F 19 1.68 17.68 -42.08
N LEU F 20 0.82 17.49 -41.09
CA LEU F 20 0.28 18.58 -40.29
C LEU F 20 0.67 18.48 -38.84
N SER F 21 1.84 19.01 -38.53
CA SER F 21 2.30 19.00 -37.15
C SER F 21 1.36 19.89 -36.36
N CYS F 22 1.00 19.44 -35.16
CA CYS F 22 0.13 20.21 -34.30
C CYS F 22 0.92 20.46 -33.05
N SER F 23 1.89 21.37 -33.13
CA SER F 23 2.74 21.66 -31.98
C SER F 23 1.86 22.12 -30.84
N ALA F 24 1.88 21.39 -29.74
CA ALA F 24 1.11 21.69 -28.54
C ALA F 24 2.03 22.17 -27.43
N SER F 25 1.46 22.98 -26.53
CA SER F 25 2.22 23.52 -25.41
C SER F 25 1.28 23.78 -24.26
N GLY F 26 1.86 23.82 -23.05
CA GLY F 26 1.11 24.13 -21.86
C GLY F 26 0.53 22.94 -21.12
N PHE F 27 0.76 21.71 -21.58
CA PHE F 27 0.21 20.55 -20.90
C PHE F 27 1.08 19.32 -21.20
N ALA F 28 0.74 18.20 -20.55
CA ALA F 28 1.43 16.93 -20.72
C ALA F 28 0.78 16.19 -21.88
N PHE F 29 1.39 16.40 -23.07
CA PHE F 29 0.79 15.98 -24.34
C PHE F 29 0.67 14.46 -24.45
N SER F 30 1.54 13.72 -23.75
CA SER F 30 1.58 12.26 -23.85
C SER F 30 0.31 11.58 -23.31
N SER F 31 -0.48 12.27 -22.50
CA SER F 31 -1.62 11.65 -21.84
C SER F 31 -2.96 12.03 -22.47
N PHE F 32 -2.97 12.57 -23.70
CA PHE F 32 -4.19 13.14 -24.25
C PHE F 32 -4.60 12.42 -25.53
N GLY F 33 -5.88 12.09 -25.62
CA GLY F 33 -6.47 11.77 -26.91
C GLY F 33 -6.49 13.00 -27.81
N MET F 34 -5.86 12.88 -28.96
CA MET F 34 -5.70 13.99 -29.88
C MET F 34 -6.51 13.70 -31.13
N HIS F 35 -7.49 14.55 -31.41
CA HIS F 35 -8.35 14.39 -32.58
C HIS F 35 -7.89 15.34 -33.70
N TRP F 36 -8.30 15.00 -34.92
CA TRP F 36 -8.27 15.90 -36.05
C TRP F 36 -9.70 16.04 -36.55
N VAL F 37 -10.17 17.29 -36.69
CA VAL F 37 -11.53 17.60 -37.08
C VAL F 37 -11.49 18.69 -38.15
N ARG F 38 -12.09 18.43 -39.30
CA ARG F 38 -12.04 19.41 -40.37
C ARG F 38 -13.38 20.00 -40.71
N GLN F 39 -13.46 21.33 -40.67
CA GLN F 39 -14.70 21.98 -41.00
C GLN F 39 -14.52 22.59 -42.38
N ALA F 40 -15.39 22.21 -43.31
CA ALA F 40 -15.34 22.73 -44.66
C ALA F 40 -15.83 24.17 -44.67
N PRO F 41 -15.36 24.97 -45.63
CA PRO F 41 -15.79 26.37 -45.68
C PRO F 41 -17.31 26.41 -45.83
N GLU F 42 -17.94 27.22 -44.99
CA GLU F 42 -19.41 27.35 -44.95
C GLU F 42 -20.11 25.99 -44.72
N LYS F 43 -19.53 25.18 -43.83
CA LYS F 43 -20.05 23.86 -43.51
C LYS F 43 -19.74 23.48 -42.08
N GLY F 44 -20.56 22.59 -41.51
CA GLY F 44 -20.34 22.12 -40.15
C GLY F 44 -19.09 21.27 -40.09
N LEU F 45 -18.35 21.36 -38.99
CA LEU F 45 -17.13 20.59 -38.86
C LEU F 45 -17.41 19.10 -38.85
N GLU F 46 -16.61 18.36 -39.58
CA GLU F 46 -16.74 16.92 -39.67
C GLU F 46 -15.50 16.34 -39.02
N TRP F 47 -15.60 15.15 -38.44
CA TRP F 47 -14.42 14.61 -37.78
C TRP F 47 -13.56 13.82 -38.75
N VAL F 48 -12.24 13.90 -38.56
CA VAL F 48 -11.28 13.21 -39.42
C VAL F 48 -10.70 11.98 -38.73
N ALA F 49 -9.98 12.17 -37.63
CA ALA F 49 -9.19 11.09 -37.07
C ALA F 49 -8.99 11.28 -35.58
N TYR F 50 -8.49 10.23 -34.92
CA TYR F 50 -8.21 10.32 -33.50
C TYR F 50 -7.10 9.34 -33.14
N ILE F 51 -6.06 9.85 -32.50
CA ILE F 51 -5.01 9.03 -31.90
C ILE F 51 -5.13 9.19 -30.40
N SER F 52 -4.86 8.12 -29.66
CA SER F 52 -5.17 8.13 -28.24
C SER F 52 -3.94 8.58 -27.44
N SER F 53 -4.05 8.48 -26.11
CA SER F 53 -2.91 8.69 -25.24
C SER F 53 -1.91 7.56 -25.43
N GLY F 54 -0.63 7.90 -25.57
CA GLY F 54 0.39 6.90 -25.76
C GLY F 54 0.35 6.17 -27.09
N SER F 55 -0.35 6.72 -28.08
CA SER F 55 -0.48 6.19 -29.44
C SER F 55 -1.08 4.79 -29.46
N GLY F 56 -1.97 4.49 -28.52
CA GLY F 56 -2.51 3.14 -28.40
C GLY F 56 -3.55 2.76 -29.43
N THR F 57 -4.73 3.37 -29.36
CA THR F 57 -5.81 3.10 -30.29
C THR F 57 -5.98 4.27 -31.24
N ILE F 58 -6.18 3.95 -32.52
CA ILE F 58 -6.23 4.95 -33.58
C ILE F 58 -7.50 4.70 -34.38
N TYR F 59 -8.37 5.71 -34.50
CA TYR F 59 -9.64 5.59 -35.19
C TYR F 59 -9.75 6.64 -36.28
N TYR F 60 -10.56 6.33 -37.30
CA TYR F 60 -10.79 7.23 -38.41
C TYR F 60 -12.30 7.31 -38.68
N ALA F 61 -12.68 8.16 -39.64
CA ALA F 61 -14.07 8.45 -39.93
C ALA F 61 -14.68 7.50 -40.93
N ASP F 62 -13.98 6.42 -41.28
CA ASP F 62 -14.36 5.30 -42.16
C ASP F 62 -14.46 5.84 -43.60
N THR F 63 -13.91 7.03 -43.87
CA THR F 63 -13.77 7.53 -45.22
C THR F 63 -12.35 7.97 -45.54
N VAL F 64 -11.48 8.09 -44.53
CA VAL F 64 -10.09 8.49 -44.69
C VAL F 64 -9.14 7.40 -44.17
N LYS F 65 -9.63 6.17 -44.03
CA LYS F 65 -8.82 5.09 -43.49
C LYS F 65 -7.68 4.69 -44.42
N GLY F 66 -7.98 4.52 -45.70
CA GLY F 66 -7.00 4.03 -46.64
C GLY F 66 -5.99 5.03 -47.16
N ARG F 67 -6.11 6.31 -46.80
CA ARG F 67 -5.23 7.33 -47.34
C ARG F 67 -4.66 8.30 -46.32
N PHE F 68 -5.13 8.30 -45.07
CA PHE F 68 -4.62 9.20 -44.05
C PHE F 68 -3.88 8.36 -43.01
N THR F 69 -2.79 8.90 -42.45
CA THR F 69 -2.17 8.24 -41.31
C THR F 69 -1.72 9.30 -40.31
N ILE F 70 -1.65 8.90 -39.03
CA ILE F 70 -1.39 9.82 -37.94
C ILE F 70 -0.30 9.25 -37.04
N SER F 71 0.49 10.14 -36.45
CA SER F 71 1.54 9.75 -35.52
C SER F 71 1.88 10.93 -34.63
N ARG F 72 2.47 10.63 -33.47
CA ARG F 72 2.94 11.67 -32.56
C ARG F 72 4.45 11.61 -32.44
N ASP F 73 5.00 12.64 -31.78
CA ASP F 73 6.40 12.62 -31.33
C ASP F 73 6.38 13.31 -29.97
N ASP F 74 6.41 12.49 -28.93
CA ASP F 74 6.14 12.89 -27.56
C ASP F 74 7.31 13.57 -26.83
N PRO F 75 8.58 13.14 -26.96
CA PRO F 75 9.66 13.98 -26.40
C PRO F 75 9.79 15.34 -27.07
N LYS F 76 9.52 15.44 -28.37
CA LYS F 76 9.58 16.72 -29.07
C LYS F 76 8.28 17.50 -28.94
N ASN F 77 7.23 16.85 -28.39
CA ASN F 77 5.96 17.47 -28.02
C ASN F 77 5.25 18.04 -29.25
N THR F 78 4.97 17.15 -30.21
CA THR F 78 4.23 17.53 -31.41
C THR F 78 3.52 16.30 -31.98
N LEU F 79 2.75 16.53 -33.04
CA LEU F 79 2.01 15.48 -33.70
C LEU F 79 1.97 15.77 -35.19
N PHE F 80 1.98 14.71 -36.00
CA PHE F 80 1.90 14.81 -37.45
C PHE F 80 0.73 14.00 -37.98
N LEU F 81 0.12 14.53 -39.03
CA LEU F 81 -0.96 13.87 -39.76
C LEU F 81 -0.52 13.76 -41.22
N GLN F 82 0.13 12.65 -41.56
CA GLN F 82 0.59 12.46 -42.93
C GLN F 82 -0.60 12.13 -43.82
N MET F 83 -0.67 12.82 -44.96
CA MET F 83 -1.88 12.89 -45.77
C MET F 83 -1.48 12.62 -47.22
N THR F 84 -1.59 11.37 -47.65
CA THR F 84 -1.07 10.97 -48.96
C THR F 84 -1.96 11.45 -50.09
N SER F 85 -3.26 11.15 -50.03
CA SER F 85 -4.20 11.44 -51.11
C SER F 85 -5.15 12.54 -50.69
N LEU F 86 -5.28 13.55 -51.54
CA LEU F 86 -6.15 14.70 -51.29
C LEU F 86 -7.14 14.85 -52.44
N ARG F 87 -8.36 14.39 -52.22
CA ARG F 87 -9.44 14.52 -53.19
C ARG F 87 -10.16 15.86 -52.97
N SER F 88 -11.30 16.03 -53.62
CA SER F 88 -12.09 17.26 -53.48
C SER F 88 -12.84 17.33 -52.15
N GLU F 89 -12.93 16.22 -51.41
CA GLU F 89 -13.60 16.24 -50.12
C GLU F 89 -12.78 16.98 -49.08
N ASP F 90 -11.44 16.95 -49.20
CA ASP F 90 -10.55 17.49 -48.19
C ASP F 90 -10.12 18.93 -48.49
N THR F 91 -11.01 19.74 -49.04
CA THR F 91 -10.78 21.19 -49.20
C THR F 91 -11.18 21.98 -47.95
N ALA F 92 -10.70 21.50 -46.80
CA ALA F 92 -11.24 21.86 -45.50
C ALA F 92 -10.15 22.37 -44.57
N MET F 93 -10.58 23.19 -43.61
CA MET F 93 -9.74 23.74 -42.56
C MET F 93 -9.64 22.74 -41.41
N TYR F 94 -8.42 22.34 -41.06
CA TYR F 94 -8.19 21.30 -40.06
C TYR F 94 -7.98 21.89 -38.68
N TYR F 95 -8.53 21.20 -37.69
CA TYR F 95 -8.46 21.60 -36.30
C TYR F 95 -8.24 20.34 -35.47
N CYS F 96 -7.40 20.44 -34.45
CA CYS F 96 -7.16 19.29 -33.60
C CYS F 96 -7.78 19.59 -32.26
N VAL F 97 -8.77 18.79 -31.87
CA VAL F 97 -9.44 19.02 -30.60
C VAL F 97 -8.65 18.29 -29.55
N ARG F 98 -8.25 18.99 -28.49
CA ARG F 98 -7.48 18.27 -27.47
C ARG F 98 -8.50 17.56 -26.59
N SER F 99 -8.20 16.38 -26.07
CA SER F 99 -9.26 15.68 -25.35
C SER F 99 -8.62 14.65 -24.41
N ILE F 100 -9.31 14.34 -23.31
CA ILE F 100 -8.85 13.31 -22.38
C ILE F 100 -10.05 12.60 -21.80
N TYR F 101 -9.93 11.29 -21.60
CA TYR F 101 -11.07 10.42 -21.33
C TYR F 101 -10.91 9.73 -19.99
N TYR F 102 -11.71 10.15 -19.01
CA TYR F 102 -11.88 9.47 -17.73
C TYR F 102 -13.23 9.92 -17.16
N TYR F 103 -13.50 9.58 -15.90
CA TYR F 103 -14.74 10.00 -15.28
C TYR F 103 -14.67 11.48 -14.89
N GLY F 104 -15.69 12.24 -15.25
CA GLY F 104 -15.69 13.66 -14.97
C GLY F 104 -14.74 14.45 -15.83
N SER F 105 -14.20 13.85 -16.88
CA SER F 105 -13.20 14.47 -17.71
C SER F 105 -13.85 15.51 -18.62
N SER F 106 -12.99 16.32 -19.26
CA SER F 106 -13.43 17.31 -20.24
C SER F 106 -12.72 17.04 -21.56
N PRO F 107 -13.23 16.11 -22.37
CA PRO F 107 -12.73 15.99 -23.74
C PRO F 107 -13.16 17.18 -24.56
N PHE F 108 -12.41 17.45 -25.64
CA PHE F 108 -12.79 18.39 -26.70
C PHE F 108 -12.92 19.82 -26.19
N ASP F 109 -12.21 20.14 -25.10
CA ASP F 109 -12.37 21.44 -24.46
C ASP F 109 -11.66 22.55 -25.24
N PHE F 110 -10.45 22.31 -25.72
CA PHE F 110 -9.70 23.32 -26.43
C PHE F 110 -9.28 22.76 -27.78
N TRP F 111 -9.33 23.61 -28.80
CA TRP F 111 -9.11 23.24 -30.19
C TRP F 111 -7.98 24.09 -30.76
N GLY F 112 -7.27 23.54 -31.75
CA GLY F 112 -6.20 24.26 -32.39
C GLY F 112 -6.71 25.40 -33.25
N GLN F 113 -5.81 26.35 -33.54
CA GLN F 113 -6.22 27.60 -34.19
C GLN F 113 -6.61 27.41 -35.65
N GLY F 114 -6.03 26.43 -36.34
CA GLY F 114 -6.53 26.08 -37.65
C GLY F 114 -5.52 26.15 -38.78
N THR F 115 -5.78 25.37 -39.84
CA THR F 115 -5.00 25.34 -41.08
C THR F 115 -5.95 25.25 -42.27
N THR F 116 -6.14 26.38 -42.95
CA THR F 116 -6.95 26.45 -44.17
C THR F 116 -6.24 25.68 -45.27
N LEU F 117 -6.76 24.49 -45.60
CA LEU F 117 -6.19 23.63 -46.64
C LEU F 117 -7.13 23.67 -47.84
N THR F 118 -6.63 24.12 -48.98
CA THR F 118 -7.40 24.13 -50.21
C THR F 118 -6.76 23.19 -51.23
N VAL F 119 -7.59 22.59 -52.08
CA VAL F 119 -7.10 21.67 -53.10
C VAL F 119 -7.55 22.16 -54.48
N ASP F 137 -22.84 4.95 -39.76
CA ASP F 137 -22.55 5.47 -38.44
C ASP F 137 -23.73 6.29 -37.92
N ILE F 138 -23.64 6.70 -36.66
CA ILE F 138 -24.65 7.56 -36.06
C ILE F 138 -24.61 8.92 -36.74
N VAL F 139 -25.76 9.38 -37.22
CA VAL F 139 -25.86 10.59 -38.03
C VAL F 139 -26.55 11.67 -37.21
N MET F 140 -25.82 12.74 -36.91
CA MET F 140 -26.37 13.89 -36.21
C MET F 140 -26.95 14.89 -37.21
N THR F 141 -28.21 15.26 -37.00
CA THR F 141 -28.88 16.26 -37.82
C THR F 141 -29.54 17.28 -36.89
N GLN F 142 -29.19 18.55 -37.08
CA GLN F 142 -29.80 19.61 -36.29
C GLN F 142 -31.16 19.97 -36.85
N ALA F 143 -31.97 20.64 -36.02
CA ALA F 143 -33.30 21.08 -36.41
C ALA F 143 -33.33 22.48 -37.00
N THR F 144 -32.18 23.17 -37.06
CA THR F 144 -32.12 24.54 -37.54
C THR F 144 -30.85 24.72 -38.34
N SER F 145 -30.98 25.29 -39.55
CA SER F 145 -29.80 25.58 -40.35
C SER F 145 -29.10 26.85 -39.89
N SER F 146 -29.88 27.88 -39.51
CA SER F 146 -29.32 29.14 -39.05
C SER F 146 -30.32 29.86 -38.14
N PRO F 151 -29.03 39.16 -28.51
CA PRO F 151 -30.11 39.52 -27.59
C PRO F 151 -29.96 38.84 -26.23
N GLY F 152 -31.08 38.42 -25.65
CA GLY F 152 -31.06 37.71 -24.39
C GLY F 152 -32.12 36.63 -24.32
N GLU F 153 -32.55 36.14 -25.49
CA GLU F 153 -33.63 35.17 -25.56
C GLU F 153 -33.14 33.79 -25.14
N SER F 154 -33.95 33.11 -24.33
CA SER F 154 -33.66 31.74 -23.90
C SER F 154 -33.93 30.81 -25.07
N VAL F 155 -32.89 30.53 -25.85
CA VAL F 155 -32.99 29.71 -27.05
C VAL F 155 -32.58 28.27 -26.69
N SER F 156 -33.25 27.30 -27.30
CA SER F 156 -32.92 25.89 -27.14
C SER F 156 -32.43 25.36 -28.48
N ILE F 157 -31.21 24.82 -28.49
CA ILE F 157 -30.61 24.24 -29.68
C ILE F 157 -30.88 22.74 -29.65
N SER F 158 -31.48 22.23 -30.73
CA SER F 158 -31.92 20.85 -30.79
C SER F 158 -30.92 20.01 -31.59
N CYS F 159 -30.87 18.72 -31.26
CA CYS F 159 -29.99 17.80 -31.95
C CYS F 159 -30.63 16.41 -31.91
N ARG F 160 -30.52 15.70 -33.03
CA ARG F 160 -31.18 14.43 -33.23
C ARG F 160 -30.15 13.35 -33.54
N SER F 161 -30.32 12.18 -32.91
CA SER F 161 -29.45 11.04 -33.12
C SER F 161 -30.22 9.91 -33.79
N SER F 162 -29.48 8.96 -34.35
CA SER F 162 -30.08 7.81 -35.02
C SER F 162 -30.33 6.63 -34.07
N LYS F 163 -29.87 6.73 -32.83
CA LYS F 163 -30.11 5.70 -31.84
C LYS F 163 -30.04 6.34 -30.46
N SER F 164 -30.42 5.56 -29.45
CA SER F 164 -30.38 6.03 -28.07
C SER F 164 -28.93 6.18 -27.62
N LEU F 165 -28.61 7.35 -27.06
CA LEU F 165 -27.25 7.64 -26.61
C LEU F 165 -27.05 7.39 -25.12
N LEU F 166 -28.08 6.95 -24.40
CA LEU F 166 -27.93 6.61 -22.99
C LEU F 166 -27.37 5.20 -22.91
N HIS F 167 -26.10 5.08 -22.57
CA HIS F 167 -25.45 3.79 -22.47
C HIS F 167 -25.69 3.18 -21.09
N SER F 168 -25.31 1.90 -20.96
CA SER F 168 -25.51 1.16 -19.71
C SER F 168 -24.64 1.67 -18.57
N ASN F 169 -23.60 2.44 -18.86
CA ASN F 169 -22.75 2.99 -17.81
C ASN F 169 -23.46 4.08 -17.00
N GLY F 170 -24.47 4.73 -17.59
CA GLY F 170 -25.13 5.85 -16.96
C GLY F 170 -24.77 7.20 -17.54
N ASN F 171 -23.93 7.25 -18.57
CA ASN F 171 -23.51 8.49 -19.20
C ASN F 171 -24.08 8.55 -20.61
N THR F 172 -24.79 9.63 -20.91
CA THR F 172 -25.33 9.87 -22.24
C THR F 172 -24.34 10.76 -22.99
N TYR F 173 -23.63 10.16 -23.94
CA TYR F 173 -22.44 10.77 -24.54
C TYR F 173 -22.85 11.71 -25.67
N LEU F 174 -23.01 12.99 -25.35
CA LEU F 174 -23.10 14.04 -26.35
C LEU F 174 -22.25 15.22 -25.92
N TYR F 175 -21.61 15.85 -26.90
CA TYR F 175 -20.67 16.94 -26.66
C TYR F 175 -21.11 18.15 -27.49
N TRP F 176 -21.33 19.27 -26.81
CA TRP F 176 -21.80 20.51 -27.43
C TRP F 176 -20.64 21.45 -27.72
N PHE F 177 -20.76 22.21 -28.81
CA PHE F 177 -19.68 23.05 -29.32
C PHE F 177 -20.19 24.39 -29.81
N LEU F 178 -19.54 25.45 -29.34
CA LEU F 178 -19.83 26.82 -29.72
C LEU F 178 -18.64 27.40 -30.48
N GLN F 179 -18.87 27.81 -31.73
CA GLN F 179 -17.82 28.36 -32.57
C GLN F 179 -18.13 29.81 -32.90
N ARG F 180 -17.24 30.73 -32.52
CA ARG F 180 -17.29 32.09 -33.06
C ARG F 180 -17.04 32.06 -34.56
N PRO F 181 -17.57 33.03 -35.31
CA PRO F 181 -17.14 33.19 -36.69
C PRO F 181 -15.68 33.63 -36.76
N GLY F 182 -14.79 32.68 -37.07
CA GLY F 182 -13.40 32.99 -37.27
C GLY F 182 -12.42 32.53 -36.19
N GLN F 183 -12.83 31.69 -35.23
CA GLN F 183 -11.85 31.02 -34.40
C GLN F 183 -12.41 29.67 -33.98
N SER F 184 -11.57 28.87 -33.32
CA SER F 184 -11.86 27.46 -33.06
C SER F 184 -13.01 27.27 -32.09
N PRO F 185 -13.78 26.19 -32.24
CA PRO F 185 -14.86 25.92 -31.29
C PRO F 185 -14.32 25.42 -29.96
N GLN F 186 -15.21 25.37 -28.97
CA GLN F 186 -14.85 24.92 -27.63
C GLN F 186 -16.02 24.14 -27.04
N LEU F 187 -15.71 23.37 -26.00
CA LEU F 187 -16.73 22.54 -25.36
C LEU F 187 -17.68 23.38 -24.53
N LEU F 188 -18.98 23.08 -24.64
CA LEU F 188 -19.99 23.64 -23.76
C LEU F 188 -20.39 22.67 -22.67
N ILE F 189 -20.92 21.50 -23.05
CA ILE F 189 -21.45 20.52 -22.12
C ILE F 189 -20.83 19.17 -22.45
N TYR F 190 -20.30 18.48 -21.45
CA TYR F 190 -19.84 17.10 -21.61
C TYR F 190 -20.81 16.17 -20.89
N ARG F 191 -21.42 15.26 -21.65
CA ARG F 191 -22.22 14.13 -21.19
C ARG F 191 -23.46 14.52 -20.36
N MET F 192 -23.80 15.81 -20.28
CA MET F 192 -25.00 16.36 -19.65
C MET F 192 -25.13 16.01 -18.17
N SER F 193 -24.02 15.71 -17.51
CA SER F 193 -23.97 15.59 -16.06
C SER F 193 -23.24 16.74 -15.39
N ASN F 194 -22.37 17.43 -16.12
CA ASN F 194 -21.66 18.60 -15.62
C ASN F 194 -21.28 19.45 -16.82
N LEU F 195 -20.91 20.70 -16.55
CA LEU F 195 -20.52 21.65 -17.57
C LEU F 195 -19.01 21.85 -17.54
N ALA F 196 -18.48 22.37 -18.65
CA ALA F 196 -17.05 22.53 -18.82
C ALA F 196 -16.53 23.71 -17.99
N SER F 197 -15.23 23.98 -18.13
CA SER F 197 -14.58 25.02 -17.34
C SER F 197 -14.71 26.39 -17.97
N GLY F 198 -14.32 26.54 -19.23
CA GLY F 198 -14.38 27.83 -19.90
C GLY F 198 -15.77 28.28 -20.27
N VAL F 199 -16.75 27.39 -20.24
CA VAL F 199 -18.14 27.78 -20.51
C VAL F 199 -18.70 28.51 -19.31
N PRO F 200 -19.56 29.51 -19.48
CA PRO F 200 -20.30 30.06 -18.35
C PRO F 200 -21.41 29.12 -17.91
N ASP F 201 -22.06 29.51 -16.80
CA ASP F 201 -23.10 28.70 -16.18
C ASP F 201 -24.45 28.79 -16.89
N ARG F 202 -24.56 29.63 -17.92
CA ARG F 202 -25.82 29.82 -18.65
C ARG F 202 -26.22 28.60 -19.48
N PHE F 203 -25.28 27.73 -19.81
CA PHE F 203 -25.57 26.58 -20.67
C PHE F 203 -26.05 25.40 -19.85
N SER F 204 -27.05 24.69 -20.36
CA SER F 204 -27.54 23.48 -19.69
C SER F 204 -28.07 22.50 -20.72
N GLY F 205 -27.53 21.29 -20.73
CA GLY F 205 -27.96 20.27 -21.66
C GLY F 205 -28.95 19.29 -21.05
N SER F 206 -29.83 18.76 -21.89
CA SER F 206 -30.80 17.76 -21.46
C SER F 206 -31.17 16.89 -22.64
N GLY F 207 -31.66 15.69 -22.34
CA GLY F 207 -32.06 14.77 -23.40
C GLY F 207 -32.52 13.46 -22.80
N SER F 208 -33.10 12.63 -23.67
CA SER F 208 -33.61 11.32 -23.30
C SER F 208 -32.99 10.17 -24.09
N GLY F 209 -32.22 10.46 -25.13
CA GLY F 209 -31.62 9.42 -25.95
C GLY F 209 -31.66 9.72 -27.43
N THR F 210 -32.74 10.36 -27.89
CA THR F 210 -32.84 10.77 -29.28
C THR F 210 -32.89 12.29 -29.42
N ALA F 211 -33.85 12.95 -28.78
CA ALA F 211 -33.89 14.41 -28.78
C ALA F 211 -32.91 14.96 -27.76
N PHE F 212 -32.21 16.03 -28.12
CA PHE F 212 -31.11 16.54 -27.31
C PHE F 212 -31.12 18.05 -27.37
N THR F 213 -31.54 18.70 -26.28
CA THR F 213 -31.75 20.13 -26.25
C THR F 213 -30.76 20.80 -25.31
N LEU F 214 -30.07 21.82 -25.81
CA LEU F 214 -29.19 22.66 -25.00
C LEU F 214 -29.83 24.02 -24.84
N THR F 215 -30.09 24.42 -23.60
CA THR F 215 -30.78 25.67 -23.31
C THR F 215 -29.81 26.68 -22.71
N ILE F 216 -30.05 27.95 -23.03
CA ILE F 216 -29.30 29.08 -22.51
C ILE F 216 -30.20 29.86 -21.56
N SER F 217 -29.79 29.96 -20.29
CA SER F 217 -30.58 30.70 -19.32
C SER F 217 -30.54 32.21 -19.59
N ARG F 218 -29.35 32.73 -19.90
CA ARG F 218 -29.18 34.15 -20.21
C ARG F 218 -28.24 34.28 -21.40
N LEU F 219 -28.78 34.49 -22.59
CA LEU F 219 -27.93 34.69 -23.77
C LEU F 219 -27.28 36.06 -23.69
N GLU F 220 -25.98 36.12 -23.97
CA GLU F 220 -25.17 37.31 -23.73
C GLU F 220 -24.48 37.73 -25.02
N ALA F 221 -23.71 38.81 -24.93
CA ALA F 221 -22.89 39.24 -26.05
C ALA F 221 -21.71 38.29 -26.24
N GLU F 222 -21.22 38.22 -27.48
CA GLU F 222 -20.09 37.41 -27.96
C GLU F 222 -20.40 35.91 -27.89
N ASP F 223 -21.65 35.54 -27.59
CA ASP F 223 -22.10 34.16 -27.46
C ASP F 223 -22.59 33.64 -28.80
N VAL F 224 -22.48 34.43 -29.86
CA VAL F 224 -22.94 34.05 -31.19
C VAL F 224 -21.94 33.09 -31.81
N GLY F 225 -22.43 31.92 -32.21
CA GLY F 225 -21.58 30.93 -32.84
C GLY F 225 -22.42 29.79 -33.37
N VAL F 226 -21.74 28.86 -34.03
CA VAL F 226 -22.36 27.67 -34.59
C VAL F 226 -22.28 26.57 -33.54
N TYR F 227 -23.34 25.75 -33.45
CA TYR F 227 -23.52 24.81 -32.35
C TYR F 227 -23.43 23.40 -32.91
N TYR F 228 -22.44 22.64 -32.46
CA TYR F 228 -22.26 21.28 -32.93
C TYR F 228 -22.55 20.29 -31.82
N CYS F 229 -22.85 19.07 -32.21
CA CYS F 229 -23.14 18.02 -31.25
C CYS F 229 -22.33 16.80 -31.65
N MET F 230 -21.99 15.97 -30.68
CA MET F 230 -21.20 14.79 -30.97
C MET F 230 -21.61 13.63 -30.10
N GLN F 231 -21.44 12.41 -30.62
CA GLN F 231 -21.76 11.22 -29.86
C GLN F 231 -20.44 10.52 -29.59
N HIS F 232 -20.38 9.77 -28.49
CA HIS F 232 -19.23 8.93 -28.19
C HIS F 232 -19.61 7.50 -27.90
N LEU F 233 -20.75 7.03 -28.40
CA LEU F 233 -21.03 5.59 -28.36
C LEU F 233 -20.12 4.84 -29.33
N GLU F 234 -20.12 5.26 -30.59
CA GLU F 234 -19.28 4.68 -31.62
C GLU F 234 -18.40 5.77 -32.23
N TYR F 235 -17.45 5.35 -33.04
CA TYR F 235 -16.59 6.29 -33.77
C TYR F 235 -16.98 6.35 -35.24
N LEU F 237 -17.51 9.87 -35.70
CA LEU F 237 -17.91 10.89 -34.73
C LEU F 237 -18.57 12.06 -35.45
N THR F 238 -19.83 11.89 -35.83
CA THR F 238 -20.52 12.92 -36.61
C THR F 238 -20.87 14.11 -35.74
N PHE F 239 -21.11 15.23 -36.40
CA PHE F 239 -21.24 16.53 -35.75
C PHE F 239 -22.54 17.24 -36.06
N GLY F 240 -23.04 17.16 -37.29
CA GLY F 240 -24.18 17.94 -37.72
C GLY F 240 -23.77 19.25 -38.39
N ALA F 241 -24.71 19.82 -39.14
CA ALA F 241 -24.44 21.04 -39.87
C ALA F 241 -24.29 22.24 -38.95
N GLY F 242 -25.05 22.30 -37.87
CA GLY F 242 -24.93 23.36 -36.90
C GLY F 242 -26.05 24.39 -37.01
N THR F 243 -26.21 25.17 -35.94
CA THR F 243 -27.20 26.24 -35.86
C THR F 243 -26.47 27.56 -35.73
N LYS F 244 -26.58 28.40 -36.76
CA LYS F 244 -26.02 29.75 -36.68
C LYS F 244 -26.95 30.65 -35.88
N LEU F 245 -26.37 31.58 -35.14
CA LEU F 245 -27.15 32.55 -34.39
C LEU F 245 -26.74 33.98 -34.74
N ILE G 1 6.11 -48.77 -19.22
CA ILE G 1 7.53 -48.57 -19.05
C ILE G 1 7.81 -47.72 -17.81
N SER G 2 9.04 -47.80 -17.30
CA SER G 2 9.43 -47.02 -16.12
C SER G 2 9.69 -45.56 -16.55
N GLY G 4 12.34 -43.97 -16.38
CA GLY G 4 13.73 -43.80 -16.79
C GLY G 4 14.00 -44.00 -18.29
N ILE G 5 12.90 -43.96 -19.11
CA ILE G 5 13.01 -43.87 -20.56
C ILE G 5 13.46 -42.46 -20.98
N LEU G 6 13.07 -41.40 -20.17
CA LEU G 6 13.26 -40.03 -20.63
C LEU G 6 14.78 -39.74 -20.68
N LEU G 7 15.41 -39.95 -19.52
CA LEU G 7 16.82 -39.70 -19.37
C LEU G 7 17.62 -40.99 -19.36
N ASP G 8 17.61 -41.70 -20.47
CA ASP G 8 18.40 -42.92 -20.55
C ASP G 8 19.72 -42.37 -21.04
N LEU G 9 20.66 -42.26 -20.12
CA LEU G 9 21.96 -41.70 -20.46
C LEU G 9 22.72 -42.49 -21.51
N SER G 10 22.56 -43.80 -21.54
CA SER G 10 23.31 -44.58 -22.53
C SER G 10 22.37 -45.03 -23.66
N ARG G 11 21.17 -45.56 -23.27
CA ARG G 11 20.10 -45.87 -24.23
C ARG G 11 20.55 -46.95 -25.20
#